data_5NPG
#
_entry.id   5NPG
#
_entity_poly.entity_id   1
_entity_poly.type   'polypeptide(L)'
_entity_poly.pdbx_seq_one_letter_code
;NGLAMKTPVSILQELLSRRGITPGYELVQIEGAIHEPTFRFRVSFKDKDTPFTAMGAGRSKKEAKHAAARALIDKLIGAQ
LPE
;
_entity_poly.pdbx_strand_id   A
#
# COMPACT_ATOMS: atom_id res chain seq x y z
N ASN A 1 -0.96 -10.78 -17.36
CA ASN A 1 0.31 -11.38 -16.98
C ASN A 1 1.37 -10.31 -16.73
N GLY A 2 1.04 -9.07 -17.03
CA GLY A 2 1.98 -7.97 -16.90
C GLY A 2 2.30 -7.67 -15.45
N LEU A 3 1.45 -8.17 -14.55
CA LEU A 3 1.64 -7.97 -13.12
C LEU A 3 2.55 -9.05 -12.54
N ALA A 4 2.84 -10.07 -13.33
CA ALA A 4 3.71 -11.15 -12.89
C ALA A 4 5.16 -10.88 -13.26
N MET A 5 6.08 -11.48 -12.51
CA MET A 5 7.51 -11.30 -12.74
C MET A 5 7.89 -9.82 -12.62
N LYS A 6 7.17 -9.09 -11.77
CA LYS A 6 7.39 -7.67 -11.62
C LYS A 6 7.21 -7.23 -10.17
N THR A 7 8.21 -6.55 -9.63
CA THR A 7 8.19 -6.12 -8.24
C THR A 7 6.92 -5.34 -7.93
N PRO A 8 6.19 -5.77 -6.90
CA PRO A 8 4.94 -5.14 -6.52
C PRO A 8 5.11 -3.64 -6.32
N VAL A 9 6.26 -3.26 -5.76
CA VAL A 9 6.58 -1.84 -5.58
C VAL A 9 6.67 -1.12 -6.92
N SER A 10 7.31 -1.76 -7.89
CA SER A 10 7.41 -1.20 -9.23
C SER A 10 6.04 -1.11 -9.89
N ILE A 11 5.19 -2.09 -9.63
CA ILE A 11 3.82 -2.08 -10.11
C ILE A 11 3.05 -0.89 -9.54
N LEU A 12 3.19 -0.68 -8.24
CA LEU A 12 2.60 0.47 -7.57
C LEU A 12 3.04 1.78 -8.24
N GLN A 13 4.35 1.94 -8.39
CA GLN A 13 4.90 3.16 -8.97
C GLN A 13 4.41 3.37 -10.39
N GLU A 14 4.36 2.28 -11.16
CA GLU A 14 3.87 2.33 -12.53
C GLU A 14 2.42 2.80 -12.59
N LEU A 15 1.57 2.16 -11.80
CA LEU A 15 0.15 2.47 -11.80
C LEU A 15 -0.11 3.91 -11.36
N LEU A 16 0.63 4.35 -10.34
CA LEU A 16 0.49 5.70 -9.83
C LEU A 16 1.00 6.72 -10.84
N SER A 17 2.03 6.34 -11.59
CA SER A 17 2.58 7.20 -12.63
C SER A 17 1.61 7.34 -13.81
N ARG A 18 0.95 6.24 -14.15
CA ARG A 18 0.00 6.23 -15.25
C ARG A 18 -1.22 7.11 -14.94
N ARG A 19 -1.70 7.00 -13.71
CA ARG A 19 -2.88 7.76 -13.28
C ARG A 19 -2.49 9.17 -12.85
N GLY A 20 -1.28 9.31 -12.30
CA GLY A 20 -0.83 10.58 -11.76
C GLY A 20 -1.33 10.77 -10.34
N ILE A 21 -1.25 9.72 -9.54
CA ILE A 21 -1.82 9.73 -8.19
C ILE A 21 -0.72 9.71 -7.13
N THR A 22 -0.86 10.55 -6.11
CA THR A 22 -0.01 10.48 -4.94
C THR A 22 -0.84 10.17 -3.68
N PRO A 23 -0.78 8.92 -3.23
CA PRO A 23 -1.57 8.48 -2.10
C PRO A 23 -0.96 8.96 -0.78
N GLY A 24 -1.78 9.07 0.25
CA GLY A 24 -1.32 9.47 1.56
C GLY A 24 -1.32 8.30 2.54
N TYR A 25 -0.47 8.37 3.55
CA TYR A 25 -0.32 7.28 4.51
C TYR A 25 -0.52 7.76 5.94
N GLU A 26 -1.00 6.87 6.80
CA GLU A 26 -1.25 7.21 8.19
C GLU A 26 -0.89 6.05 9.11
N LEU A 27 -0.16 6.37 10.18
CA LEU A 27 0.20 5.37 11.18
C LEU A 27 -1.02 4.90 11.97
N VAL A 28 -1.24 3.59 11.98
CA VAL A 28 -2.40 3.02 12.66
C VAL A 28 -2.03 2.48 14.04
N GLN A 29 -1.04 1.59 14.07
CA GLN A 29 -0.67 0.90 15.29
C GLN A 29 0.66 0.18 15.15
N ILE A 30 1.50 0.28 16.17
CA ILE A 30 2.73 -0.50 16.22
C ILE A 30 2.70 -1.51 17.37
N GLU A 31 2.81 -2.79 17.02
CA GLU A 31 2.71 -3.85 18.00
C GLU A 31 3.51 -5.07 17.57
N GLY A 32 3.97 -5.86 18.54
CA GLY A 32 4.77 -7.04 18.26
C GLY A 32 5.93 -7.17 19.24
N ALA A 33 7.08 -7.60 18.72
CA ALA A 33 8.27 -7.78 19.54
C ALA A 33 9.07 -6.48 19.65
N ILE A 34 9.90 -6.39 20.67
CA ILE A 34 10.76 -5.23 20.87
C ILE A 34 11.76 -5.09 19.73
N HIS A 35 12.41 -6.20 19.39
CA HIS A 35 13.42 -6.21 18.33
C HIS A 35 12.78 -6.42 16.97
N GLU A 36 11.53 -6.89 16.97
CA GLU A 36 10.80 -7.13 15.73
C GLU A 36 9.34 -6.73 15.87
N PRO A 37 9.09 -5.43 15.96
CA PRO A 37 7.73 -4.92 16.02
C PRO A 37 7.07 -4.94 14.64
N THR A 38 5.75 -5.02 14.63
CA THR A 38 4.99 -4.95 13.38
C THR A 38 4.30 -3.60 13.22
N PHE A 39 4.44 -3.01 12.04
CA PHE A 39 3.91 -1.68 11.79
C PHE A 39 2.64 -1.72 10.95
N ARG A 40 1.59 -1.09 11.44
CA ARG A 40 0.33 -1.01 10.71
C ARG A 40 0.11 0.41 10.16
N PHE A 41 -0.06 0.51 8.85
CA PHE A 41 -0.31 1.78 8.20
C PHE A 41 -1.57 1.73 7.35
N ARG A 42 -2.25 2.87 7.23
CA ARG A 42 -3.38 3.00 6.32
C ARG A 42 -3.05 3.93 5.16
N VAL A 43 -3.63 3.65 4.00
CA VAL A 43 -3.37 4.43 2.80
C VAL A 43 -4.66 4.78 2.07
N SER A 44 -4.71 5.98 1.51
CA SER A 44 -5.92 6.47 0.87
C SER A 44 -5.59 7.41 -0.29
N PHE A 45 -6.43 7.37 -1.33
CA PHE A 45 -6.30 8.30 -2.44
C PHE A 45 -7.62 8.45 -3.18
N LYS A 46 -7.75 9.53 -3.94
CA LYS A 46 -8.96 9.80 -4.71
C LYS A 46 -8.71 9.57 -6.20
N ASP A 47 -9.67 8.90 -6.85
CA ASP A 47 -9.58 8.67 -8.29
C ASP A 47 -10.90 8.14 -8.84
N LYS A 48 -11.14 8.36 -10.13
CA LYS A 48 -12.39 7.96 -10.76
C LYS A 48 -13.59 8.49 -9.97
N ASP A 49 -13.46 9.69 -9.42
CA ASP A 49 -14.55 10.31 -8.69
C ASP A 49 -15.02 9.44 -7.53
N THR A 50 -14.09 8.74 -6.91
CA THR A 50 -14.38 7.97 -5.70
C THR A 50 -13.13 7.79 -4.84
N PRO A 51 -13.31 7.84 -3.53
CA PRO A 51 -12.21 7.68 -2.60
C PRO A 51 -11.80 6.21 -2.45
N PHE A 52 -10.51 5.98 -2.21
CA PHE A 52 -10.03 4.64 -1.91
C PHE A 52 -9.30 4.60 -0.57
N THR A 53 -9.38 3.46 0.10
CA THR A 53 -8.69 3.27 1.37
C THR A 53 -8.32 1.81 1.58
N ALA A 54 -7.20 1.58 2.24
CA ALA A 54 -6.76 0.22 2.58
C ALA A 54 -5.77 0.23 3.74
N MET A 55 -5.67 -0.90 4.43
CA MET A 55 -4.77 -1.02 5.58
C MET A 55 -3.88 -2.24 5.45
N GLY A 56 -2.58 -2.04 5.68
CA GLY A 56 -1.61 -3.12 5.58
C GLY A 56 -0.62 -3.08 6.75
N ALA A 57 0.34 -3.99 6.73
CA ALA A 57 1.32 -4.09 7.80
C ALA A 57 2.59 -4.79 7.32
N GLY A 58 3.71 -4.50 7.96
CA GLY A 58 4.99 -5.09 7.58
C GLY A 58 6.00 -5.00 8.73
N ARG A 59 7.24 -5.37 8.44
CA ARG A 59 8.28 -5.41 9.47
C ARG A 59 8.86 -4.02 9.71
N SER A 60 8.63 -3.11 8.77
CA SER A 60 9.08 -1.73 8.92
C SER A 60 8.00 -0.75 8.48
N LYS A 61 8.22 0.52 8.79
CA LYS A 61 7.27 1.56 8.40
C LYS A 61 7.12 1.64 6.89
N LYS A 62 8.24 1.57 6.18
CA LYS A 62 8.24 1.63 4.73
C LYS A 62 7.56 0.40 4.13
N GLU A 63 7.93 -0.77 4.62
CA GLU A 63 7.36 -2.02 4.13
C GLU A 63 5.86 -2.07 4.38
N ALA A 64 5.45 -1.62 5.55
CA ALA A 64 4.03 -1.58 5.91
C ALA A 64 3.24 -0.71 4.95
N LYS A 65 3.82 0.43 4.59
CA LYS A 65 3.19 1.33 3.63
C LYS A 65 3.03 0.66 2.27
N HIS A 66 4.05 -0.10 1.87
CA HIS A 66 4.00 -0.84 0.61
C HIS A 66 2.92 -1.92 0.64
N ALA A 67 2.79 -2.60 1.78
CA ALA A 67 1.78 -3.61 1.96
C ALA A 67 0.37 -3.03 1.85
N ALA A 68 0.18 -1.88 2.49
CA ALA A 68 -1.10 -1.18 2.43
C ALA A 68 -1.41 -0.72 1.01
N ALA A 69 -0.39 -0.21 0.32
CA ALA A 69 -0.55 0.24 -1.05
C ALA A 69 -0.83 -0.93 -1.99
N ARG A 70 -0.26 -2.08 -1.69
CA ARG A 70 -0.52 -3.30 -2.43
C ARG A 70 -1.97 -3.74 -2.26
N ALA A 71 -2.51 -3.53 -1.06
CA ALA A 71 -3.91 -3.83 -0.79
C ALA A 71 -4.82 -2.99 -1.67
N LEU A 72 -4.45 -1.74 -1.89
CA LEU A 72 -5.15 -0.89 -2.84
C LEU A 72 -5.14 -1.49 -4.24
N ILE A 73 -3.96 -1.92 -4.68
CA ILE A 73 -3.82 -2.52 -6.00
C ILE A 73 -4.73 -3.74 -6.16
N ASP A 74 -4.76 -4.57 -5.14
CA ASP A 74 -5.63 -5.74 -5.13
C ASP A 74 -7.08 -5.34 -5.36
N LYS A 75 -7.52 -4.28 -4.69
CA LYS A 75 -8.88 -3.77 -4.85
C LYS A 75 -9.11 -3.21 -6.24
N LEU A 76 -8.07 -2.59 -6.80
CA LEU A 76 -8.17 -1.97 -8.11
C LEU A 76 -8.30 -3.01 -9.21
N ILE A 77 -7.58 -4.11 -9.07
CA ILE A 77 -7.57 -5.17 -10.07
C ILE A 77 -8.62 -6.23 -9.75
N GLY A 78 -9.10 -6.22 -8.50
CA GLY A 78 -10.15 -7.14 -8.08
C GLY A 78 -9.61 -8.55 -7.89
N ALA A 79 -8.39 -8.65 -7.38
CA ALA A 79 -7.72 -9.94 -7.25
C ALA A 79 -6.42 -9.80 -6.49
N GLN A 80 -5.82 -10.94 -6.13
CA GLN A 80 -4.52 -10.95 -5.47
C GLN A 80 -3.40 -10.63 -6.46
N LEU A 81 -2.68 -9.54 -6.19
CA LEU A 81 -1.52 -9.18 -7.01
C LEU A 81 -0.45 -10.26 -6.96
N PRO A 82 -0.12 -10.80 -8.13
CA PRO A 82 0.90 -11.83 -8.23
C PRO A 82 2.29 -11.22 -8.11
N GLU A 83 3.30 -12.08 -7.88
CA GLU A 83 4.68 -11.63 -7.78
C GLU A 83 5.32 -11.51 -9.17
N ASN A 1 7.23 -0.72 -18.50
CA ASN A 1 7.03 -0.28 -17.12
C ASN A 1 8.23 -0.62 -16.26
N GLY A 2 8.51 -1.91 -16.10
CA GLY A 2 9.66 -2.36 -15.33
C GLY A 2 9.33 -2.37 -13.83
N LEU A 3 8.05 -2.46 -13.51
CA LEU A 3 7.61 -2.45 -12.12
C LEU A 3 7.75 -3.84 -11.51
N ALA A 4 8.19 -3.88 -10.26
CA ALA A 4 8.38 -5.15 -9.55
C ALA A 4 7.17 -5.46 -8.67
N MET A 5 6.72 -6.71 -8.72
CA MET A 5 5.55 -7.14 -7.96
C MET A 5 5.83 -7.10 -6.46
N LYS A 6 7.11 -7.18 -6.10
CA LYS A 6 7.50 -7.21 -4.70
C LYS A 6 7.54 -5.81 -4.11
N THR A 7 7.21 -4.82 -4.94
CA THR A 7 7.17 -3.43 -4.49
C THR A 7 5.84 -2.79 -4.83
N PRO A 8 4.79 -3.17 -4.11
CA PRO A 8 3.45 -2.63 -4.34
C PRO A 8 3.48 -1.10 -4.36
N VAL A 9 4.22 -0.51 -3.44
CA VAL A 9 4.28 0.94 -3.32
C VAL A 9 4.83 1.56 -4.59
N SER A 10 5.90 0.97 -5.12
CA SER A 10 6.52 1.47 -6.34
C SER A 10 5.57 1.38 -7.53
N ILE A 11 4.77 0.31 -7.55
CA ILE A 11 3.79 0.13 -8.60
C ILE A 11 2.78 1.26 -8.63
N LEU A 12 2.20 1.55 -7.48
CA LEU A 12 1.23 2.65 -7.36
C LEU A 12 1.90 4.00 -7.58
N GLN A 13 3.13 4.13 -7.09
CA GLN A 13 3.89 5.36 -7.28
C GLN A 13 3.97 5.75 -8.75
N GLU A 14 4.32 4.79 -9.59
CA GLU A 14 4.43 5.02 -11.03
C GLU A 14 3.06 5.27 -11.64
N LEU A 15 2.11 4.38 -11.36
CA LEU A 15 0.81 4.43 -12.01
C LEU A 15 0.05 5.69 -11.63
N LEU A 16 0.10 6.05 -10.34
CA LEU A 16 -0.63 7.20 -9.84
C LEU A 16 0.03 8.51 -10.27
N SER A 17 1.34 8.49 -10.40
CA SER A 17 2.08 9.62 -10.95
C SER A 17 1.66 9.91 -12.38
N ARG A 18 1.43 8.87 -13.15
CA ARG A 18 0.93 9.01 -14.52
C ARG A 18 -0.49 9.56 -14.52
N ARG A 19 -1.29 9.13 -13.55
CA ARG A 19 -2.67 9.59 -13.44
C ARG A 19 -2.74 11.00 -12.88
N GLY A 20 -1.78 11.34 -12.03
CA GLY A 20 -1.76 12.64 -11.37
C GLY A 20 -2.40 12.56 -9.98
N ILE A 21 -2.41 11.36 -9.41
CA ILE A 21 -3.02 11.13 -8.10
C ILE A 21 -1.96 11.02 -7.02
N THR A 22 -2.13 11.79 -5.95
CA THR A 22 -1.24 11.72 -4.80
C THR A 22 -1.87 10.91 -3.66
N PRO A 23 -1.29 9.75 -3.38
CA PRO A 23 -1.78 8.89 -2.31
C PRO A 23 -1.36 9.42 -0.94
N GLY A 24 -2.15 9.13 0.08
CA GLY A 24 -1.85 9.59 1.43
C GLY A 24 -1.43 8.42 2.31
N TYR A 25 -0.36 8.62 3.08
CA TYR A 25 0.12 7.60 4.01
C TYR A 25 -0.07 8.03 5.45
N GLU A 26 -0.36 7.07 6.31
CA GLU A 26 -0.65 7.36 7.72
C GLU A 26 -0.14 6.24 8.63
N LEU A 27 0.71 6.61 9.58
CA LEU A 27 1.11 5.70 10.64
C LEU A 27 0.01 5.58 11.70
N VAL A 28 -0.43 4.34 11.93
CA VAL A 28 -1.55 4.10 12.83
C VAL A 28 -1.08 3.65 14.21
N GLN A 29 -0.31 2.57 14.24
CA GLN A 29 0.10 1.95 15.50
C GLN A 29 1.37 1.13 15.33
N ILE A 30 2.25 1.21 16.32
CA ILE A 30 3.43 0.33 16.36
C ILE A 30 3.42 -0.53 17.62
N GLU A 31 3.41 -1.84 17.43
CA GLU A 31 3.31 -2.77 18.54
C GLU A 31 3.91 -4.12 18.19
N GLY A 32 4.19 -4.92 19.21
CA GLY A 32 4.68 -6.29 19.00
C GLY A 32 6.08 -6.47 19.59
N ALA A 33 6.84 -7.38 19.00
CA ALA A 33 8.17 -7.71 19.52
C ALA A 33 9.16 -6.57 19.29
N ILE A 34 10.10 -6.42 20.21
CA ILE A 34 11.14 -5.41 20.09
C ILE A 34 12.10 -5.74 18.95
N HIS A 35 12.20 -7.03 18.63
CA HIS A 35 13.09 -7.47 17.57
C HIS A 35 12.46 -7.28 16.20
N GLU A 36 11.15 -7.46 16.12
CA GLU A 36 10.40 -7.22 14.90
C GLU A 36 9.06 -6.56 15.19
N PRO A 37 9.10 -5.27 15.51
CA PRO A 37 7.89 -4.51 15.78
C PRO A 37 6.94 -4.54 14.58
N THR A 38 5.65 -4.64 14.86
CA THR A 38 4.63 -4.59 13.81
C THR A 38 4.18 -3.15 13.55
N PHE A 39 4.35 -2.71 12.31
CA PHE A 39 3.93 -1.37 11.92
C PHE A 39 2.59 -1.39 11.19
N ARG A 40 1.64 -0.64 11.70
CA ARG A 40 0.32 -0.56 11.07
C ARG A 40 0.15 0.78 10.34
N PHE A 41 -0.08 0.70 9.04
CA PHE A 41 -0.27 1.89 8.22
C PHE A 41 -1.63 1.88 7.54
N ARG A 42 -2.18 3.07 7.31
CA ARG A 42 -3.38 3.21 6.49
C ARG A 42 -3.13 4.12 5.29
N VAL A 43 -3.35 3.59 4.10
CA VAL A 43 -3.05 4.32 2.87
C VAL A 43 -4.28 4.43 1.98
N SER A 44 -4.51 5.61 1.43
CA SER A 44 -5.74 5.90 0.71
C SER A 44 -5.47 6.83 -0.47
N PHE A 45 -6.15 6.58 -1.59
CA PHE A 45 -6.18 7.52 -2.70
C PHE A 45 -7.47 7.40 -3.49
N LYS A 46 -7.77 8.43 -4.27
CA LYS A 46 -9.02 8.47 -5.03
C LYS A 46 -8.74 8.66 -6.53
N ASP A 47 -9.42 7.87 -7.35
CA ASP A 47 -9.29 7.99 -8.80
C ASP A 47 -10.52 7.44 -9.50
N LYS A 48 -10.80 7.97 -10.69
CA LYS A 48 -12.01 7.60 -11.42
C LYS A 48 -13.26 7.76 -10.55
N ASP A 49 -13.26 8.79 -9.72
CA ASP A 49 -14.40 9.05 -8.85
C ASP A 49 -14.65 7.88 -7.91
N THR A 50 -13.60 7.12 -7.60
CA THR A 50 -13.71 5.99 -6.70
C THR A 50 -12.63 6.05 -5.62
N PRO A 51 -13.05 6.00 -4.37
CA PRO A 51 -12.13 5.99 -3.24
C PRO A 51 -11.45 4.64 -3.10
N PHE A 52 -10.14 4.66 -2.85
CA PHE A 52 -9.39 3.44 -2.61
C PHE A 52 -8.66 3.48 -1.29
N THR A 53 -9.28 2.93 -0.24
CA THR A 53 -8.67 2.90 1.08
C THR A 53 -8.38 1.46 1.52
N ALA A 54 -7.18 1.25 2.04
CA ALA A 54 -6.81 -0.07 2.55
C ALA A 54 -5.71 0.03 3.60
N MET A 55 -5.64 -0.96 4.47
CA MET A 55 -4.65 -0.98 5.54
C MET A 55 -3.72 -2.19 5.40
N GLY A 56 -2.54 -2.09 6.00
CA GLY A 56 -1.58 -3.19 5.98
C GLY A 56 -0.58 -3.07 7.13
N ALA A 57 0.27 -4.07 7.27
CA ALA A 57 1.24 -4.10 8.36
C ALA A 57 2.43 -5.00 8.02
N GLY A 58 3.56 -4.73 8.64
CA GLY A 58 4.77 -5.52 8.42
C GLY A 58 5.81 -5.28 9.51
N ARG A 59 7.02 -5.77 9.30
CA ARG A 59 8.07 -5.66 10.29
C ARG A 59 8.75 -4.30 10.24
N SER A 60 8.47 -3.55 9.18
CA SER A 60 9.01 -2.20 9.04
C SER A 60 7.98 -1.26 8.43
N LYS A 61 8.27 0.03 8.46
CA LYS A 61 7.41 1.04 7.85
C LYS A 61 7.23 0.77 6.36
N LYS A 62 8.29 0.30 5.71
CA LYS A 62 8.26 0.01 4.29
C LYS A 62 7.36 -1.18 3.99
N GLU A 63 7.55 -2.26 4.74
CA GLU A 63 6.77 -3.48 4.55
C GLU A 63 5.29 -3.24 4.80
N ALA A 64 4.99 -2.42 5.82
CA ALA A 64 3.62 -2.07 6.14
C ALA A 64 2.97 -1.30 5.01
N LYS A 65 3.72 -0.35 4.44
CA LYS A 65 3.23 0.44 3.31
C LYS A 65 2.99 -0.44 2.09
N HIS A 66 3.88 -1.41 1.89
CA HIS A 66 3.74 -2.34 0.78
C HIS A 66 2.51 -3.23 0.94
N ALA A 67 2.25 -3.63 2.18
CA ALA A 67 1.08 -4.44 2.49
C ALA A 67 -0.21 -3.69 2.16
N ALA A 68 -0.29 -2.44 2.60
CA ALA A 68 -1.44 -1.60 2.30
C ALA A 68 -1.55 -1.31 0.81
N ALA A 69 -0.41 -0.99 0.19
CA ALA A 69 -0.37 -0.69 -1.23
C ALA A 69 -0.80 -1.89 -2.07
N ARG A 70 -0.39 -3.08 -1.64
CA ARG A 70 -0.79 -4.32 -2.31
C ARG A 70 -2.31 -4.46 -2.33
N ALA A 71 -2.94 -4.23 -1.19
CA ALA A 71 -4.40 -4.29 -1.09
C ALA A 71 -5.04 -3.22 -1.97
N LEU A 72 -4.43 -2.05 -2.02
CA LEU A 72 -4.92 -0.96 -2.85
C LEU A 72 -4.85 -1.33 -4.33
N ILE A 73 -3.76 -1.96 -4.73
CA ILE A 73 -3.60 -2.42 -6.10
C ILE A 73 -4.65 -3.47 -6.47
N ASP A 74 -4.89 -4.39 -5.54
CA ASP A 74 -5.93 -5.40 -5.73
C ASP A 74 -7.29 -4.77 -5.99
N LYS A 75 -7.61 -3.74 -5.21
CA LYS A 75 -8.87 -3.02 -5.37
C LYS A 75 -8.87 -2.18 -6.65
N LEU A 76 -7.73 -1.57 -6.94
CA LEU A 76 -7.60 -0.70 -8.10
C LEU A 76 -7.75 -1.48 -9.40
N ILE A 77 -7.04 -2.60 -9.50
CA ILE A 77 -7.03 -3.40 -10.71
C ILE A 77 -8.22 -4.35 -10.76
N GLY A 78 -8.55 -4.94 -9.61
CA GLY A 78 -9.58 -5.97 -9.55
C GLY A 78 -8.97 -7.36 -9.70
N ALA A 79 -7.76 -7.54 -9.16
CA ALA A 79 -7.03 -8.78 -9.33
C ALA A 79 -5.90 -8.90 -8.31
N GLN A 80 -5.58 -10.13 -7.91
CA GLN A 80 -4.57 -10.37 -6.89
C GLN A 80 -3.17 -10.08 -7.42
N LEU A 81 -2.51 -9.12 -6.78
CA LEU A 81 -1.11 -8.83 -7.10
C LEU A 81 -0.19 -9.98 -6.68
N PRO A 82 0.59 -10.48 -7.64
CA PRO A 82 1.57 -11.51 -7.35
C PRO A 82 2.51 -11.09 -6.22
N GLU A 83 2.97 -12.07 -5.45
CA GLU A 83 3.85 -11.79 -4.32
C GLU A 83 5.08 -11.00 -4.77
N ASN A 1 -7.72 -11.61 -11.77
CA ASN A 1 -7.21 -10.33 -11.31
C ASN A 1 -7.04 -9.35 -12.47
N GLY A 2 -7.42 -8.10 -12.25
CA GLY A 2 -7.32 -7.07 -13.28
C GLY A 2 -5.91 -6.51 -13.36
N LEU A 3 -5.19 -6.58 -12.24
CA LEU A 3 -3.83 -6.08 -12.16
C LEU A 3 -2.84 -7.19 -11.83
N ALA A 4 -1.61 -7.06 -12.31
CA ALA A 4 -0.58 -8.06 -12.07
C ALA A 4 -0.28 -8.20 -10.59
N MET A 5 -0.17 -9.43 -10.12
CA MET A 5 0.06 -9.71 -8.71
C MET A 5 1.47 -10.20 -8.46
N LYS A 6 2.34 -10.04 -9.46
CA LYS A 6 3.76 -10.35 -9.31
C LYS A 6 4.46 -9.33 -8.41
N THR A 7 4.44 -8.07 -8.85
CA THR A 7 4.91 -6.97 -8.01
C THR A 7 3.89 -5.85 -7.95
N PRO A 8 2.86 -6.03 -7.13
CA PRO A 8 1.77 -5.07 -7.05
C PRO A 8 2.27 -3.66 -6.74
N VAL A 9 3.33 -3.59 -5.93
CA VAL A 9 3.92 -2.31 -5.54
C VAL A 9 4.34 -1.50 -6.76
N SER A 10 5.05 -2.16 -7.68
CA SER A 10 5.53 -1.49 -8.88
C SER A 10 4.39 -1.21 -9.84
N ILE A 11 3.36 -2.05 -9.81
CA ILE A 11 2.16 -1.83 -10.62
C ILE A 11 1.44 -0.56 -10.18
N LEU A 12 1.32 -0.38 -8.88
CA LEU A 12 0.69 0.83 -8.33
C LEU A 12 1.50 2.07 -8.69
N GLN A 13 2.82 1.97 -8.53
CA GLN A 13 3.70 3.09 -8.85
C GLN A 13 3.50 3.56 -10.29
N GLU A 14 3.41 2.61 -11.21
CA GLU A 14 3.12 2.92 -12.61
C GLU A 14 1.77 3.61 -12.74
N LEU A 15 0.75 3.02 -12.14
CA LEU A 15 -0.60 3.57 -12.23
C LEU A 15 -0.68 4.98 -11.66
N LEU A 16 0.00 5.19 -10.54
CA LEU A 16 0.01 6.50 -9.89
C LEU A 16 0.76 7.52 -10.72
N SER A 17 1.82 7.07 -11.39
CA SER A 17 2.60 7.93 -12.27
C SER A 17 1.78 8.35 -13.49
N ARG A 18 1.02 7.42 -14.04
CA ARG A 18 0.19 7.69 -15.21
C ARG A 18 -0.95 8.64 -14.85
N ARG A 19 -1.54 8.44 -13.69
CA ARG A 19 -2.70 9.23 -13.26
C ARG A 19 -2.26 10.54 -12.62
N GLY A 20 -1.09 10.53 -12.00
CA GLY A 20 -0.58 11.70 -11.29
C GLY A 20 -1.16 11.79 -9.88
N ILE A 21 -1.26 10.65 -9.21
CA ILE A 21 -1.89 10.58 -7.90
C ILE A 21 -0.86 10.24 -6.82
N THR A 22 -0.95 10.92 -5.69
CA THR A 22 -0.09 10.63 -4.55
C THR A 22 -0.92 10.26 -3.33
N PRO A 23 -1.06 8.96 -3.09
CA PRO A 23 -1.80 8.47 -1.93
C PRO A 23 -1.17 8.93 -0.63
N GLY A 24 -1.99 9.09 0.40
CA GLY A 24 -1.51 9.52 1.72
C GLY A 24 -1.50 8.36 2.70
N TYR A 25 -0.42 8.25 3.47
CA TYR A 25 -0.28 7.16 4.43
C TYR A 25 -0.51 7.66 5.86
N GLU A 26 -0.96 6.75 6.72
CA GLU A 26 -1.23 7.09 8.11
C GLU A 26 -0.82 5.97 9.04
N LEU A 27 -0.02 6.30 10.05
CA LEU A 27 0.39 5.33 11.06
C LEU A 27 -0.78 4.90 11.93
N VAL A 28 -1.03 3.60 11.99
CA VAL A 28 -2.17 3.07 12.72
C VAL A 28 -1.73 2.37 13.99
N GLN A 29 -0.87 1.36 13.84
CA GLN A 29 -0.52 0.48 14.94
C GLN A 29 0.97 0.14 14.93
N ILE A 30 1.58 0.19 16.11
CA ILE A 30 2.91 -0.38 16.29
C ILE A 30 2.95 -1.35 17.46
N GLU A 31 2.88 -2.64 17.15
CA GLU A 31 2.79 -3.68 18.18
C GLU A 31 3.40 -4.98 17.71
N GLY A 32 4.20 -5.60 18.58
CA GLY A 32 4.86 -6.85 18.25
C GLY A 32 6.00 -7.15 19.23
N ALA A 33 7.18 -7.43 18.69
CA ALA A 33 8.35 -7.69 19.51
C ALA A 33 8.96 -6.40 20.04
N ILE A 34 9.78 -6.51 21.08
CA ILE A 34 10.39 -5.35 21.71
C ILE A 34 11.24 -4.57 20.72
N HIS A 35 11.99 -5.29 19.89
CA HIS A 35 12.90 -4.66 18.94
C HIS A 35 12.38 -4.79 17.52
N GLU A 36 11.32 -5.58 17.35
CA GLU A 36 10.73 -5.80 16.03
C GLU A 36 9.21 -5.84 16.11
N PRO A 37 8.62 -4.68 16.39
CA PRO A 37 7.17 -4.55 16.39
C PRO A 37 6.61 -4.53 14.97
N THR A 38 5.36 -4.94 14.82
CA THR A 38 4.68 -4.89 13.53
C THR A 38 4.08 -3.51 13.28
N PHE A 39 4.35 -2.97 12.09
CA PHE A 39 3.87 -1.63 11.74
C PHE A 39 2.66 -1.69 10.83
N ARG A 40 1.59 -1.01 11.23
CA ARG A 40 0.38 -0.97 10.42
C ARG A 40 0.11 0.44 9.89
N PHE A 41 -0.02 0.54 8.58
CA PHE A 41 -0.29 1.82 7.94
C PHE A 41 -1.58 1.77 7.12
N ARG A 42 -2.37 2.85 7.19
CA ARG A 42 -3.52 3.01 6.31
C ARG A 42 -3.21 3.99 5.18
N VAL A 43 -3.77 3.72 4.00
CA VAL A 43 -3.51 4.55 2.83
C VAL A 43 -4.78 4.77 2.02
N SER A 44 -4.92 5.97 1.47
CA SER A 44 -6.11 6.33 0.72
C SER A 44 -5.80 7.34 -0.38
N PHE A 45 -6.51 7.25 -1.49
CA PHE A 45 -6.43 8.26 -2.54
C PHE A 45 -7.72 8.30 -3.35
N LYS A 46 -7.97 9.44 -3.99
CA LYS A 46 -9.19 9.63 -4.77
C LYS A 46 -8.89 9.62 -6.27
N ASP A 47 -9.73 8.92 -7.03
CA ASP A 47 -9.59 8.89 -8.47
C ASP A 47 -10.82 8.26 -9.13
N LYS A 48 -11.04 8.58 -10.41
CA LYS A 48 -12.22 8.12 -11.11
C LYS A 48 -13.50 8.48 -10.35
N ASP A 49 -13.49 9.66 -9.73
CA ASP A 49 -14.66 10.15 -9.01
C ASP A 49 -15.09 9.17 -7.93
N THR A 50 -14.13 8.51 -7.31
CA THR A 50 -14.38 7.66 -6.15
C THR A 50 -13.15 7.51 -5.29
N PRO A 51 -13.34 7.48 -3.98
CA PRO A 51 -12.24 7.32 -3.04
C PRO A 51 -11.78 5.87 -2.96
N PHE A 52 -10.49 5.67 -2.72
CA PHE A 52 -9.95 4.33 -2.48
C PHE A 52 -9.28 4.25 -1.11
N THR A 53 -9.55 3.17 -0.39
CA THR A 53 -9.00 2.97 0.94
C THR A 53 -8.43 1.56 1.11
N ALA A 54 -7.25 1.47 1.70
CA ALA A 54 -6.63 0.18 1.96
C ALA A 54 -5.74 0.24 3.20
N MET A 55 -5.28 -0.92 3.65
CA MET A 55 -4.47 -1.01 4.86
C MET A 55 -3.53 -2.21 4.82
N GLY A 56 -2.27 -1.97 5.17
CA GLY A 56 -1.27 -3.03 5.14
C GLY A 56 -0.38 -2.98 6.38
N ALA A 57 0.54 -3.94 6.49
CA ALA A 57 1.43 -4.02 7.63
C ALA A 57 2.67 -4.84 7.31
N GLY A 58 3.75 -4.59 8.04
CA GLY A 58 5.00 -5.29 7.82
C GLY A 58 5.92 -5.17 9.03
N ARG A 59 7.18 -5.59 8.86
CA ARG A 59 8.14 -5.59 9.96
C ARG A 59 8.72 -4.20 10.19
N SER A 60 8.56 -3.33 9.20
CA SER A 60 9.02 -1.95 9.30
C SER A 60 8.02 -0.99 8.69
N LYS A 61 8.24 0.30 8.90
CA LYS A 61 7.39 1.33 8.31
C LYS A 61 7.42 1.25 6.79
N LYS A 62 8.60 0.95 6.23
CA LYS A 62 8.75 0.82 4.79
C LYS A 62 7.96 -0.37 4.25
N GLU A 63 8.14 -1.52 4.88
CA GLU A 63 7.46 -2.75 4.45
C GLU A 63 5.95 -2.61 4.60
N ALA A 64 5.52 -1.94 5.66
CA ALA A 64 4.10 -1.72 5.91
C ALA A 64 3.47 -0.90 4.78
N LYS A 65 4.19 0.13 4.34
CA LYS A 65 3.72 0.97 3.24
C LYS A 65 3.66 0.18 1.94
N HIS A 66 4.61 -0.74 1.76
CA HIS A 66 4.62 -1.62 0.60
C HIS A 66 3.44 -2.57 0.62
N ALA A 67 3.13 -3.10 1.79
CA ALA A 67 1.97 -3.96 1.97
C ALA A 67 0.68 -3.19 1.72
N ALA A 68 0.64 -1.95 2.17
CA ALA A 68 -0.50 -1.08 1.91
C ALA A 68 -0.65 -0.79 0.41
N ALA A 69 0.47 -0.63 -0.27
CA ALA A 69 0.48 -0.47 -1.72
C ALA A 69 -0.10 -1.71 -2.41
N ARG A 70 0.29 -2.88 -1.92
CA ARG A 70 -0.27 -4.14 -2.42
C ARG A 70 -1.77 -4.21 -2.17
N ALA A 71 -2.19 -3.72 -1.00
CA ALA A 71 -3.61 -3.72 -0.65
C ALA A 71 -4.41 -2.80 -1.57
N LEU A 72 -3.80 -1.69 -1.96
CA LEU A 72 -4.43 -0.76 -2.89
C LEU A 72 -4.67 -1.42 -4.24
N ILE A 73 -3.72 -2.24 -4.67
CA ILE A 73 -3.88 -3.04 -5.88
C ILE A 73 -5.06 -4.00 -5.76
N ASP A 74 -5.17 -4.63 -4.60
CA ASP A 74 -6.32 -5.49 -4.30
C ASP A 74 -7.61 -4.68 -4.29
N LYS A 75 -7.55 -3.46 -3.79
CA LYS A 75 -8.70 -2.57 -3.77
C LYS A 75 -9.13 -2.21 -5.19
N LEU A 76 -8.15 -1.92 -6.04
CA LEU A 76 -8.43 -1.58 -7.44
C LEU A 76 -9.03 -2.77 -8.18
N ILE A 77 -8.52 -3.96 -7.88
CA ILE A 77 -9.06 -5.19 -8.46
C ILE A 77 -10.46 -5.50 -7.93
N GLY A 78 -10.62 -5.36 -6.61
CA GLY A 78 -11.87 -5.73 -5.96
C GLY A 78 -11.69 -6.96 -5.08
N ALA A 79 -10.43 -7.27 -4.77
CA ALA A 79 -10.12 -8.45 -3.96
C ALA A 79 -10.18 -8.12 -2.47
N GLN A 80 -10.36 -9.15 -1.65
CA GLN A 80 -10.40 -8.98 -0.20
C GLN A 80 -9.12 -8.36 0.31
N LEU A 81 -9.25 -7.29 1.09
CA LEU A 81 -8.09 -6.59 1.65
C LEU A 81 -7.57 -7.30 2.89
N PRO A 82 -6.26 -7.23 3.10
CA PRO A 82 -5.64 -7.85 4.26
C PRO A 82 -5.93 -7.07 5.53
N GLU A 83 -5.78 -7.72 6.67
CA GLU A 83 -6.02 -7.09 7.96
C GLU A 83 -5.19 -7.72 9.06
N ASN A 1 0.20 0.36 -20.75
CA ASN A 1 1.40 0.04 -20.00
C ASN A 1 1.07 -0.75 -18.74
N GLY A 2 1.92 -1.70 -18.39
CA GLY A 2 1.71 -2.53 -17.21
C GLY A 2 2.47 -1.99 -16.01
N LEU A 3 2.71 -2.85 -15.02
CA LEU A 3 3.43 -2.45 -13.82
C LEU A 3 4.77 -3.17 -13.72
N ALA A 4 5.76 -2.48 -13.18
CA ALA A 4 7.09 -3.07 -13.00
C ALA A 4 7.17 -3.92 -11.74
N MET A 5 8.20 -4.75 -11.66
CA MET A 5 8.43 -5.55 -10.46
C MET A 5 9.37 -4.85 -9.50
N LYS A 6 9.09 -3.57 -9.23
CA LYS A 6 9.92 -2.77 -8.35
C LYS A 6 9.25 -2.55 -7.00
N THR A 7 9.64 -1.47 -6.32
CA THR A 7 9.06 -1.14 -5.02
C THR A 7 7.54 -0.99 -5.11
N PRO A 8 6.83 -1.78 -4.32
CA PRO A 8 5.37 -1.79 -4.36
C PRO A 8 4.81 -0.38 -4.22
N VAL A 9 5.42 0.41 -3.35
CA VAL A 9 5.00 1.79 -3.13
C VAL A 9 5.13 2.62 -4.39
N SER A 10 6.29 2.50 -5.05
CA SER A 10 6.56 3.27 -6.26
C SER A 10 5.70 2.80 -7.43
N ILE A 11 5.31 1.53 -7.39
CA ILE A 11 4.39 0.98 -8.37
C ILE A 11 3.01 1.62 -8.27
N LEU A 12 2.49 1.68 -7.04
CA LEU A 12 1.24 2.37 -6.78
C LEU A 12 1.32 3.84 -7.20
N GLN A 13 2.38 4.52 -6.77
CA GLN A 13 2.57 5.93 -7.09
C GLN A 13 2.54 6.16 -8.60
N GLU A 14 3.30 5.36 -9.33
CA GLU A 14 3.35 5.46 -10.78
C GLU A 14 1.97 5.29 -11.41
N LEU A 15 1.31 4.18 -11.07
CA LEU A 15 0.01 3.86 -11.65
C LEU A 15 -0.96 5.01 -11.46
N LEU A 16 -0.99 5.57 -10.26
CA LEU A 16 -1.92 6.64 -9.93
C LEU A 16 -1.48 7.96 -10.55
N SER A 17 -0.16 8.16 -10.61
CA SER A 17 0.39 9.41 -11.14
C SER A 17 0.11 9.54 -12.63
N ARG A 18 -0.19 8.42 -13.28
CA ARG A 18 -0.61 8.43 -14.68
C ARG A 18 -1.91 9.18 -14.86
N ARG A 19 -2.68 9.30 -13.78
CA ARG A 19 -3.93 10.06 -13.80
C ARG A 19 -3.80 11.36 -13.01
N GLY A 20 -2.57 11.69 -12.62
CA GLY A 20 -2.32 12.89 -11.84
C GLY A 20 -2.70 12.69 -10.38
N ILE A 21 -2.67 11.44 -9.93
CA ILE A 21 -3.09 11.10 -8.57
C ILE A 21 -1.89 10.65 -7.73
N THR A 22 -1.82 11.17 -6.51
CA THR A 22 -0.77 10.77 -5.58
C THR A 22 -1.36 10.12 -4.33
N PRO A 23 -0.90 8.92 -4.03
CA PRO A 23 -1.36 8.18 -2.86
C PRO A 23 -0.76 8.76 -1.58
N GLY A 24 -1.52 8.70 -0.49
CA GLY A 24 -1.05 9.16 0.81
C GLY A 24 -0.98 8.00 1.81
N TYR A 25 0.14 7.89 2.50
CA TYR A 25 0.33 6.85 3.51
C TYR A 25 0.17 7.42 4.91
N GLU A 26 -0.28 6.58 5.84
CA GLU A 26 -0.49 7.00 7.22
C GLU A 26 -0.20 5.87 8.19
N LEU A 27 0.48 6.19 9.29
CA LEU A 27 0.72 5.22 10.35
C LEU A 27 -0.55 4.95 11.14
N VAL A 28 -0.94 3.68 11.21
CA VAL A 28 -2.14 3.28 11.94
C VAL A 28 -1.81 2.97 13.40
N GLN A 29 -0.89 2.04 13.61
CA GLN A 29 -0.59 1.56 14.95
C GLN A 29 0.68 0.70 14.96
N ILE A 30 1.52 0.91 15.96
CA ILE A 30 2.70 0.07 16.16
C ILE A 30 2.52 -0.83 17.37
N GLU A 31 2.61 -2.14 17.15
CA GLU A 31 2.37 -3.12 18.20
C GLU A 31 3.20 -4.38 17.98
N GLY A 32 3.88 -4.83 19.03
CA GLY A 32 4.67 -6.05 18.97
C GLY A 32 5.80 -6.02 20.00
N ALA A 33 6.95 -6.56 19.62
CA ALA A 33 8.09 -6.65 20.52
C ALA A 33 8.83 -5.32 20.61
N ILE A 34 9.65 -5.17 21.64
CA ILE A 34 10.41 -3.94 21.85
C ILE A 34 11.37 -3.69 20.69
N HIS A 35 12.05 -4.73 20.25
CA HIS A 35 13.04 -4.62 19.20
C HIS A 35 12.52 -5.19 17.88
N GLU A 36 11.29 -5.67 17.90
CA GLU A 36 10.64 -6.20 16.70
C GLU A 36 9.14 -5.99 16.74
N PRO A 37 8.71 -4.73 16.78
CA PRO A 37 7.29 -4.40 16.74
C PRO A 37 6.73 -4.54 15.33
N THR A 38 5.44 -4.84 15.24
CA THR A 38 4.75 -4.87 13.95
C THR A 38 4.16 -3.51 13.61
N PHE A 39 4.40 -3.06 12.38
CA PHE A 39 3.94 -1.74 11.94
C PHE A 39 2.68 -1.85 11.10
N ARG A 40 1.65 -1.11 11.49
CA ARG A 40 0.42 -1.04 10.71
C ARG A 40 0.32 0.29 9.97
N PHE A 41 0.25 0.23 8.65
CA PHE A 41 0.06 1.42 7.84
C PHE A 41 -1.18 1.30 6.97
N ARG A 42 -1.63 2.43 6.43
CA ARG A 42 -2.72 2.44 5.46
C ARG A 42 -2.48 3.48 4.37
N VAL A 43 -3.15 3.32 3.24
CA VAL A 43 -2.97 4.21 2.11
C VAL A 43 -4.31 4.53 1.44
N SER A 44 -4.47 5.78 1.03
CA SER A 44 -5.74 6.24 0.46
C SER A 44 -5.51 7.29 -0.62
N PHE A 45 -6.49 7.45 -1.49
CA PHE A 45 -6.47 8.52 -2.49
C PHE A 45 -7.87 8.81 -3.02
N LYS A 46 -8.03 9.97 -3.66
CA LYS A 46 -9.32 10.35 -4.23
C LYS A 46 -9.29 10.27 -5.75
N ASP A 47 -10.32 9.66 -6.32
CA ASP A 47 -10.45 9.58 -7.77
C ASP A 47 -11.82 9.06 -8.17
N LYS A 48 -12.26 9.40 -9.38
CA LYS A 48 -13.59 9.04 -9.86
C LYS A 48 -14.66 9.45 -8.87
N ASP A 49 -14.46 10.59 -8.21
CA ASP A 49 -15.43 11.13 -7.27
C ASP A 49 -15.75 10.11 -6.17
N THR A 50 -14.72 9.35 -5.77
CA THR A 50 -14.85 8.43 -4.65
C THR A 50 -13.50 8.14 -4.02
N PRO A 51 -13.48 8.00 -2.71
CA PRO A 51 -12.26 7.70 -1.97
C PRO A 51 -11.88 6.23 -2.09
N PHE A 52 -10.59 5.95 -2.10
CA PHE A 52 -10.10 4.58 -2.03
C PHE A 52 -9.19 4.39 -0.82
N THR A 53 -9.34 3.25 -0.14
CA THR A 53 -8.57 2.97 1.07
C THR A 53 -8.01 1.55 1.04
N ALA A 54 -6.88 1.36 1.72
CA ALA A 54 -6.34 0.03 1.92
C ALA A 54 -5.37 -0.01 3.10
N MET A 55 -5.23 -1.18 3.71
CA MET A 55 -4.42 -1.33 4.91
C MET A 55 -3.44 -2.49 4.77
N GLY A 56 -2.33 -2.42 5.50
CA GLY A 56 -1.35 -3.49 5.51
C GLY A 56 -0.43 -3.39 6.72
N ALA A 57 0.46 -4.35 6.87
CA ALA A 57 1.36 -4.40 8.01
C ALA A 57 2.59 -5.26 7.72
N GLY A 58 3.68 -5.00 8.44
CA GLY A 58 4.91 -5.74 8.27
C GLY A 58 5.85 -5.56 9.45
N ARG A 59 7.09 -6.03 9.30
CA ARG A 59 8.06 -5.96 10.38
C ARG A 59 8.70 -4.58 10.47
N SER A 60 8.53 -3.79 9.42
CA SER A 60 9.05 -2.42 9.39
C SER A 60 8.06 -1.47 8.74
N LYS A 61 8.34 -0.17 8.85
CA LYS A 61 7.52 0.84 8.19
C LYS A 61 7.48 0.63 6.69
N LYS A 62 8.61 0.21 6.12
CA LYS A 62 8.70 -0.03 4.69
C LYS A 62 7.83 -1.22 4.27
N GLU A 63 7.96 -2.33 4.99
CA GLU A 63 7.22 -3.54 4.66
C GLU A 63 5.71 -3.31 4.83
N ALA A 64 5.34 -2.54 5.84
CA ALA A 64 3.94 -2.22 6.09
C ALA A 64 3.35 -1.42 4.94
N LYS A 65 4.11 -0.45 4.44
CA LYS A 65 3.68 0.35 3.30
C LYS A 65 3.56 -0.51 2.04
N HIS A 66 4.48 -1.46 1.89
CA HIS A 66 4.42 -2.41 0.78
C HIS A 66 3.12 -3.20 0.80
N ALA A 67 2.74 -3.68 1.98
CA ALA A 67 1.51 -4.45 2.13
C ALA A 67 0.28 -3.61 1.83
N ALA A 68 0.27 -2.38 2.34
CA ALA A 68 -0.83 -1.47 2.11
C ALA A 68 -1.03 -1.17 0.64
N ALA A 69 0.07 -0.90 -0.06
CA ALA A 69 0.03 -0.63 -1.49
C ALA A 69 -0.45 -1.85 -2.26
N ARG A 70 0.04 -3.03 -1.88
CA ARG A 70 -0.34 -4.27 -2.53
C ARG A 70 -1.84 -4.52 -2.39
N ALA A 71 -2.37 -4.31 -1.20
CA ALA A 71 -3.79 -4.47 -0.94
C ALA A 71 -4.61 -3.54 -1.82
N LEU A 72 -4.15 -2.30 -1.97
CA LEU A 72 -4.86 -1.30 -2.76
C LEU A 72 -4.88 -1.67 -4.23
N ILE A 73 -3.72 -2.06 -4.75
CA ILE A 73 -3.60 -2.46 -6.14
C ILE A 73 -4.49 -3.67 -6.45
N ASP A 74 -4.61 -4.57 -5.47
CA ASP A 74 -5.54 -5.69 -5.58
C ASP A 74 -6.98 -5.21 -5.65
N LYS A 75 -7.30 -4.18 -4.87
CA LYS A 75 -8.63 -3.60 -4.87
C LYS A 75 -8.91 -2.85 -6.17
N LEU A 76 -7.87 -2.23 -6.71
CA LEU A 76 -8.02 -1.35 -7.88
C LEU A 76 -8.12 -2.16 -9.16
N ILE A 77 -7.09 -2.94 -9.45
CA ILE A 77 -6.97 -3.63 -10.73
C ILE A 77 -6.89 -5.14 -10.53
N GLY A 78 -6.62 -5.56 -9.29
CA GLY A 78 -6.60 -6.98 -8.96
C GLY A 78 -5.23 -7.58 -9.27
N ALA A 79 -4.17 -6.84 -9.00
CA ALA A 79 -2.82 -7.29 -9.26
C ALA A 79 -2.02 -7.40 -7.96
N GLN A 80 -1.05 -8.31 -7.94
CA GLN A 80 -0.18 -8.46 -6.78
C GLN A 80 1.16 -7.76 -7.00
N LEU A 81 1.75 -7.30 -5.91
CA LEU A 81 3.03 -6.59 -5.99
C LEU A 81 4.15 -7.42 -5.38
N PRO A 82 5.39 -7.09 -5.74
CA PRO A 82 6.55 -7.82 -5.24
C PRO A 82 6.56 -7.87 -3.72
N GLU A 83 6.90 -9.02 -3.17
CA GLU A 83 6.92 -9.22 -1.72
C GLU A 83 8.33 -9.48 -1.22
N ASN A 1 2.56 -15.50 -2.36
CA ASN A 1 1.87 -15.85 -1.13
C ASN A 1 1.62 -14.62 -0.27
N GLY A 2 0.40 -14.10 -0.31
CA GLY A 2 0.02 -12.96 0.51
C GLY A 2 0.46 -11.65 -0.12
N LEU A 3 1.77 -11.45 -0.21
CA LEU A 3 2.33 -10.25 -0.80
C LEU A 3 2.87 -10.52 -2.21
N ALA A 4 2.67 -9.57 -3.11
CA ALA A 4 3.17 -9.69 -4.47
C ALA A 4 4.69 -9.63 -4.51
N MET A 5 5.30 -10.50 -5.32
CA MET A 5 6.74 -10.53 -5.45
C MET A 5 7.25 -9.34 -6.27
N LYS A 6 6.44 -8.87 -7.20
CA LYS A 6 6.79 -7.72 -8.02
C LYS A 6 6.72 -6.43 -7.21
N THR A 7 7.75 -5.60 -7.35
CA THR A 7 7.83 -4.34 -6.61
C THR A 7 6.58 -3.50 -6.83
N PRO A 8 5.88 -3.18 -5.75
CA PRO A 8 4.62 -2.47 -5.83
C PRO A 8 4.84 -1.00 -6.21
N VAL A 9 6.04 -0.50 -5.94
CA VAL A 9 6.42 0.85 -6.35
C VAL A 9 6.45 0.97 -7.87
N SER A 10 7.02 -0.03 -8.53
CA SER A 10 7.12 -0.03 -9.98
C SER A 10 5.77 -0.26 -10.63
N ILE A 11 4.90 -0.99 -9.93
CA ILE A 11 3.53 -1.19 -10.38
C ILE A 11 2.73 0.11 -10.27
N LEU A 12 2.80 0.75 -9.10
CA LEU A 12 2.07 1.99 -8.86
C LEU A 12 2.60 3.11 -9.73
N GLN A 13 3.89 3.07 -10.02
CA GLN A 13 4.52 4.06 -10.90
C GLN A 13 3.70 4.27 -12.16
N GLU A 14 3.31 3.17 -12.80
CA GLU A 14 2.49 3.23 -14.00
C GLU A 14 1.02 3.36 -13.66
N LEU A 15 0.57 2.58 -12.68
CA LEU A 15 -0.85 2.50 -12.37
C LEU A 15 -1.40 3.85 -11.92
N LEU A 16 -0.73 4.47 -10.95
CA LEU A 16 -1.17 5.73 -10.39
C LEU A 16 -1.08 6.86 -11.43
N SER A 17 -0.14 6.71 -12.36
CA SER A 17 0.01 7.68 -13.44
C SER A 17 -1.15 7.61 -14.42
N ARG A 18 -1.61 6.38 -14.70
CA ARG A 18 -2.73 6.17 -15.61
C ARG A 18 -4.03 6.67 -14.97
N ARG A 19 -4.18 6.42 -13.68
CA ARG A 19 -5.39 6.81 -12.97
C ARG A 19 -5.35 8.29 -12.57
N GLY A 20 -4.15 8.79 -12.30
CA GLY A 20 -3.98 10.17 -11.85
C GLY A 20 -4.23 10.28 -10.35
N ILE A 21 -3.71 9.33 -9.58
CA ILE A 21 -3.97 9.26 -8.15
C ILE A 21 -2.71 9.56 -7.34
N THR A 22 -2.84 10.43 -6.37
CA THR A 22 -1.77 10.66 -5.40
C THR A 22 -2.16 10.17 -4.02
N PRO A 23 -1.71 8.96 -3.68
CA PRO A 23 -2.07 8.34 -2.41
C PRO A 23 -1.25 8.91 -1.26
N GLY A 24 -1.86 8.94 -0.07
CA GLY A 24 -1.13 9.36 1.13
C GLY A 24 -0.95 8.19 2.09
N TYR A 25 0.28 7.98 2.54
CA TYR A 25 0.58 6.89 3.46
C TYR A 25 0.70 7.40 4.89
N GLU A 26 0.16 6.63 5.83
CA GLU A 26 0.19 7.01 7.24
C GLU A 26 0.31 5.79 8.14
N LEU A 27 1.17 5.89 9.15
CA LEU A 27 1.29 4.85 10.17
C LEU A 27 0.08 4.87 11.10
N VAL A 28 -0.63 3.76 11.16
CA VAL A 28 -1.82 3.64 12.01
C VAL A 28 -1.44 3.27 13.44
N GLN A 29 -0.77 2.13 13.59
CA GLN A 29 -0.44 1.61 14.91
C GLN A 29 0.67 0.57 14.82
N ILE A 30 1.31 0.31 15.96
CA ILE A 30 2.34 -0.73 16.04
C ILE A 30 1.90 -1.88 16.94
N GLU A 31 1.81 -3.07 16.36
CA GLU A 31 1.31 -4.23 17.08
C GLU A 31 2.43 -5.15 17.52
N GLY A 32 2.08 -6.27 18.14
CA GLY A 32 3.05 -7.29 18.51
C GLY A 32 3.83 -6.87 19.76
N ALA A 33 5.15 -6.94 19.67
CA ALA A 33 6.01 -6.69 20.83
C ALA A 33 7.05 -5.61 20.53
N ILE A 34 7.86 -5.29 21.52
CA ILE A 34 8.94 -4.33 21.34
C ILE A 34 10.05 -4.90 20.47
N HIS A 35 10.43 -6.15 20.76
CA HIS A 35 11.48 -6.82 20.00
C HIS A 35 10.96 -7.36 18.68
N GLU A 36 9.64 -7.43 18.56
CA GLU A 36 9.01 -7.90 17.34
C GLU A 36 7.75 -7.09 17.02
N PRO A 37 7.95 -5.84 16.60
CA PRO A 37 6.83 -4.95 16.31
C PRO A 37 6.24 -5.24 14.94
N THR A 38 4.95 -4.99 14.79
CA THR A 38 4.29 -5.05 13.49
C THR A 38 3.65 -3.73 13.13
N PHE A 39 4.11 -3.14 12.03
CA PHE A 39 3.71 -1.78 11.65
C PHE A 39 2.51 -1.80 10.72
N ARG A 40 1.42 -1.16 11.13
CA ARG A 40 0.23 -1.08 10.31
C ARG A 40 0.10 0.29 9.65
N PHE A 41 0.07 0.29 8.32
CA PHE A 41 -0.09 1.53 7.57
C PHE A 41 -1.45 1.57 6.86
N ARG A 42 -1.90 2.78 6.54
CA ARG A 42 -3.11 2.96 5.75
C ARG A 42 -2.87 3.93 4.59
N VAL A 43 -3.67 3.81 3.55
CA VAL A 43 -3.52 4.64 2.37
C VAL A 43 -4.81 5.41 2.06
N SER A 44 -4.70 6.71 1.87
CA SER A 44 -5.84 7.54 1.50
C SER A 44 -5.76 7.97 0.04
N PHE A 45 -6.80 7.64 -0.72
CA PHE A 45 -6.84 8.00 -2.13
C PHE A 45 -8.29 8.05 -2.64
N LYS A 46 -8.45 8.50 -3.88
CA LYS A 46 -9.78 8.69 -4.44
C LYS A 46 -9.81 8.33 -5.92
N ASP A 47 -10.88 7.66 -6.35
CA ASP A 47 -11.04 7.28 -7.74
C ASP A 47 -12.52 7.09 -8.09
N LYS A 48 -12.84 7.29 -9.37
CA LYS A 48 -14.23 7.21 -9.82
C LYS A 48 -15.14 8.08 -8.97
N ASP A 49 -14.63 9.25 -8.57
CA ASP A 49 -15.42 10.19 -7.79
C ASP A 49 -15.85 9.58 -6.47
N THR A 50 -15.09 8.59 -6.00
CA THR A 50 -15.37 7.95 -4.72
C THR A 50 -14.08 7.75 -3.92
N PRO A 51 -14.09 8.19 -2.66
CA PRO A 51 -12.94 8.04 -1.79
C PRO A 51 -12.77 6.58 -1.36
N PHE A 52 -11.53 6.11 -1.38
CA PHE A 52 -11.23 4.74 -0.98
C PHE A 52 -10.07 4.70 0.02
N THR A 53 -9.98 3.61 0.77
CA THR A 53 -8.89 3.42 1.72
C THR A 53 -8.25 2.06 1.55
N ALA A 54 -6.99 1.94 1.95
CA ALA A 54 -6.30 0.66 1.98
C ALA A 54 -5.43 0.52 3.22
N MET A 55 -4.98 -0.69 3.49
CA MET A 55 -4.20 -0.97 4.70
C MET A 55 -3.24 -2.12 4.47
N GLY A 56 -2.03 -1.99 5.01
CA GLY A 56 -1.04 -3.06 4.95
C GLY A 56 -0.30 -3.21 6.27
N ALA A 57 0.63 -4.16 6.32
CA ALA A 57 1.40 -4.42 7.53
C ALA A 57 2.72 -5.11 7.21
N GLY A 58 3.73 -4.83 8.02
CA GLY A 58 5.05 -5.43 7.83
C GLY A 58 5.87 -5.37 9.10
N ARG A 59 7.12 -5.82 9.02
CA ARG A 59 7.99 -5.90 10.20
C ARG A 59 8.68 -4.58 10.46
N SER A 60 8.71 -3.71 9.44
CA SER A 60 9.31 -2.39 9.57
C SER A 60 8.44 -1.32 8.93
N LYS A 61 8.78 -0.06 9.20
CA LYS A 61 8.04 1.06 8.62
C LYS A 61 8.10 1.04 7.10
N LYS A 62 9.29 0.74 6.56
CA LYS A 62 9.48 0.67 5.13
C LYS A 62 8.73 -0.52 4.52
N GLU A 63 8.97 -1.70 5.08
CA GLU A 63 8.34 -2.92 4.59
C GLU A 63 6.83 -2.83 4.66
N ALA A 64 6.31 -2.33 5.78
CA ALA A 64 4.88 -2.18 5.96
C ALA A 64 4.29 -1.20 4.97
N LYS A 65 5.03 -0.13 4.69
CA LYS A 65 4.63 0.84 3.67
C LYS A 65 4.51 0.19 2.30
N HIS A 66 5.44 -0.72 2.00
CA HIS A 66 5.41 -1.46 0.75
C HIS A 66 4.21 -2.40 0.71
N ALA A 67 3.90 -3.01 1.86
CA ALA A 67 2.70 -3.84 1.98
C ALA A 67 1.44 -3.01 1.79
N ALA A 68 1.44 -1.79 2.32
CA ALA A 68 0.34 -0.86 2.10
C ALA A 68 0.23 -0.45 0.64
N ALA A 69 1.38 -0.33 -0.02
CA ALA A 69 1.43 -0.06 -1.46
C ALA A 69 0.80 -1.22 -2.24
N ARG A 70 1.07 -2.44 -1.80
CA ARG A 70 0.45 -3.62 -2.39
C ARG A 70 -1.05 -3.62 -2.14
N ALA A 71 -1.45 -3.21 -0.95
CA ALA A 71 -2.87 -3.10 -0.62
C ALA A 71 -3.55 -2.05 -1.50
N LEU A 72 -2.87 -0.95 -1.75
CA LEU A 72 -3.36 0.08 -2.67
C LEU A 72 -3.59 -0.51 -4.06
N ILE A 73 -2.60 -1.26 -4.55
CA ILE A 73 -2.72 -1.92 -5.84
C ILE A 73 -3.94 -2.84 -5.89
N ASP A 74 -4.06 -3.69 -4.88
CA ASP A 74 -5.14 -4.66 -4.83
C ASP A 74 -6.49 -3.97 -4.70
N LYS A 75 -6.52 -2.88 -3.94
CA LYS A 75 -7.75 -2.13 -3.70
C LYS A 75 -8.23 -1.47 -4.98
N LEU A 76 -7.29 -0.94 -5.76
CA LEU A 76 -7.61 -0.35 -7.06
C LEU A 76 -8.09 -1.42 -8.03
N ILE A 77 -7.50 -2.60 -7.94
CA ILE A 77 -7.94 -3.74 -8.75
C ILE A 77 -9.31 -4.23 -8.33
N GLY A 78 -9.50 -4.35 -7.02
CA GLY A 78 -10.71 -4.97 -6.47
C GLY A 78 -10.39 -6.32 -5.85
N ALA A 79 -9.11 -6.59 -5.66
CA ALA A 79 -8.67 -7.86 -5.08
C ALA A 79 -8.61 -7.78 -3.55
N GLN A 80 -8.39 -8.92 -2.92
CA GLN A 80 -8.28 -8.98 -1.46
C GLN A 80 -6.98 -8.34 -0.99
N LEU A 81 -7.09 -7.40 -0.06
CA LEU A 81 -5.92 -6.71 0.48
C LEU A 81 -5.17 -7.59 1.47
N PRO A 82 -3.85 -7.50 1.44
CA PRO A 82 -3.01 -8.28 2.35
C PRO A 82 -3.02 -7.69 3.74
N GLU A 83 -2.65 -8.50 4.73
CA GLU A 83 -2.57 -8.04 6.12
C GLU A 83 -1.73 -8.98 6.97
N ASN A 1 8.50 -11.64 0.26
CA ASN A 1 8.67 -10.26 -0.18
C ASN A 1 10.02 -10.07 -0.88
N GLY A 2 11.06 -10.67 -0.32
CA GLY A 2 12.41 -10.48 -0.83
C GLY A 2 12.58 -11.16 -2.18
N LEU A 3 11.67 -12.07 -2.50
CA LEU A 3 11.74 -12.82 -3.76
C LEU A 3 11.02 -12.07 -4.88
N ALA A 4 10.38 -10.95 -4.52
CA ALA A 4 9.64 -10.16 -5.50
C ALA A 4 10.59 -9.37 -6.39
N MET A 5 10.13 -9.08 -7.61
CA MET A 5 10.92 -8.30 -8.55
C MET A 5 10.47 -6.85 -8.57
N LYS A 6 9.15 -6.64 -8.56
CA LYS A 6 8.59 -5.29 -8.49
C LYS A 6 7.89 -5.05 -7.16
N THR A 7 7.94 -3.81 -6.69
CA THR A 7 7.27 -3.42 -5.47
C THR A 7 5.92 -2.77 -5.74
N PRO A 8 4.98 -2.96 -4.83
CA PRO A 8 3.63 -2.42 -5.00
C PRO A 8 3.62 -0.91 -4.81
N VAL A 9 4.65 -0.39 -4.14
CA VAL A 9 4.80 1.04 -3.95
C VAL A 9 5.22 1.73 -5.25
N SER A 10 6.23 1.18 -5.91
CA SER A 10 6.70 1.73 -7.18
C SER A 10 5.66 1.55 -8.27
N ILE A 11 4.92 0.45 -8.20
CA ILE A 11 3.80 0.22 -9.12
C ILE A 11 2.68 1.20 -8.87
N LEU A 12 2.34 1.42 -7.60
CA LEU A 12 1.34 2.40 -7.22
C LEU A 12 1.68 3.78 -7.77
N GLN A 13 2.94 4.17 -7.61
CA GLN A 13 3.40 5.47 -8.12
C GLN A 13 3.17 5.58 -9.62
N GLU A 14 3.52 4.52 -10.35
CA GLU A 14 3.35 4.50 -11.80
C GLU A 14 1.88 4.61 -12.17
N LEU A 15 1.04 3.84 -11.49
CA LEU A 15 -0.39 3.81 -11.79
C LEU A 15 -1.03 5.17 -11.57
N LEU A 16 -0.70 5.80 -10.44
CA LEU A 16 -1.33 7.06 -10.04
C LEU A 16 -0.70 8.24 -10.75
N SER A 17 0.52 8.06 -11.23
CA SER A 17 1.16 9.04 -12.11
C SER A 17 0.45 9.10 -13.46
N ARG A 18 0.03 7.95 -13.97
CA ARG A 18 -0.71 7.89 -15.21
C ARG A 18 -2.12 8.46 -15.05
N ARG A 19 -2.72 8.21 -13.89
CA ARG A 19 -4.05 8.71 -13.60
C ARG A 19 -4.02 10.18 -13.20
N GLY A 20 -2.92 10.58 -12.55
CA GLY A 20 -2.77 11.96 -12.10
C GLY A 20 -3.42 12.16 -10.73
N ILE A 21 -3.34 11.13 -9.89
CA ILE A 21 -3.97 11.17 -8.57
C ILE A 21 -2.91 11.15 -7.47
N THR A 22 -3.07 12.05 -6.49
CA THR A 22 -2.15 12.11 -5.36
C THR A 22 -2.68 11.34 -4.17
N PRO A 23 -1.98 10.27 -3.80
CA PRO A 23 -2.39 9.43 -2.68
C PRO A 23 -1.95 10.03 -1.35
N GLY A 24 -2.48 9.48 -0.26
CA GLY A 24 -2.02 9.85 1.08
C GLY A 24 -1.97 8.64 2.00
N TYR A 25 -0.96 8.63 2.89
CA TYR A 25 -0.77 7.51 3.79
C TYR A 25 -0.18 7.96 5.12
N GLU A 26 -0.31 7.12 6.14
CA GLU A 26 0.18 7.46 7.48
C GLU A 26 0.28 6.22 8.35
N LEU A 27 1.03 6.33 9.44
CA LEU A 27 1.13 5.26 10.42
C LEU A 27 -0.16 5.12 11.23
N VAL A 28 -0.75 3.94 11.19
CA VAL A 28 -1.94 3.65 11.99
C VAL A 28 -1.58 3.39 13.43
N GLN A 29 -0.63 2.48 13.65
CA GLN A 29 -0.20 2.12 14.99
C GLN A 29 1.02 1.20 14.95
N ILE A 30 1.59 0.94 16.13
CA ILE A 30 2.72 0.03 16.23
C ILE A 30 2.40 -1.17 17.11
N GLU A 31 2.44 -2.36 16.52
CA GLU A 31 2.09 -3.58 17.23
C GLU A 31 3.34 -4.40 17.56
N GLY A 32 3.14 -5.57 18.16
CA GLY A 32 4.21 -6.53 18.34
C GLY A 32 5.01 -6.22 19.60
N ALA A 33 6.29 -6.57 19.58
CA ALA A 33 7.15 -6.43 20.76
C ALA A 33 8.40 -5.64 20.44
N ILE A 34 9.26 -5.49 21.45
CA ILE A 34 10.53 -4.80 21.26
C ILE A 34 11.46 -5.60 20.35
N HIS A 35 11.54 -6.90 20.57
CA HIS A 35 12.41 -7.77 19.80
C HIS A 35 11.80 -8.11 18.45
N GLU A 36 10.49 -7.88 18.32
CA GLU A 36 9.80 -8.10 17.06
C GLU A 36 8.74 -7.04 16.82
N PRO A 37 9.18 -5.85 16.45
CA PRO A 37 8.26 -4.75 16.16
C PRO A 37 7.35 -5.08 14.99
N THR A 38 6.12 -4.59 15.05
CA THR A 38 5.22 -4.63 13.90
C THR A 38 4.60 -3.26 13.65
N PHE A 39 4.57 -2.87 12.38
CA PHE A 39 4.06 -1.56 11.99
C PHE A 39 2.83 -1.66 11.10
N ARG A 40 1.84 -0.83 11.35
CA ARG A 40 0.62 -0.83 10.56
C ARG A 40 0.41 0.53 9.88
N PHE A 41 0.38 0.53 8.56
CA PHE A 41 0.12 1.74 7.79
C PHE A 41 -1.17 1.63 7.00
N ARG A 42 -1.74 2.78 6.64
CA ARG A 42 -2.90 2.82 5.76
C ARG A 42 -2.74 3.88 4.67
N VAL A 43 -3.38 3.65 3.53
CA VAL A 43 -3.21 4.51 2.38
C VAL A 43 -4.50 4.59 1.55
N SER A 44 -4.81 5.78 1.06
CA SER A 44 -6.06 6.01 0.35
C SER A 44 -5.89 7.08 -0.72
N PHE A 45 -6.65 6.96 -1.81
CA PHE A 45 -6.71 8.00 -2.82
C PHE A 45 -8.08 8.03 -3.49
N LYS A 46 -8.41 9.17 -4.10
CA LYS A 46 -9.68 9.34 -4.79
C LYS A 46 -9.48 9.55 -6.28
N ASP A 47 -9.78 8.52 -7.06
CA ASP A 47 -9.61 8.59 -8.51
C ASP A 47 -10.87 9.12 -9.18
N LYS A 48 -10.91 10.43 -9.40
CA LYS A 48 -12.10 11.09 -9.92
C LYS A 48 -13.29 10.89 -8.99
N ASP A 49 -13.13 11.30 -7.74
CA ASP A 49 -14.17 11.12 -6.73
C ASP A 49 -14.50 9.64 -6.55
N THR A 50 -13.48 8.81 -6.54
CA THR A 50 -13.65 7.39 -6.26
C THR A 50 -12.64 6.90 -5.23
N PRO A 51 -13.06 6.90 -3.97
CA PRO A 51 -12.18 6.53 -2.87
C PRO A 51 -11.69 5.09 -3.00
N PHE A 52 -10.38 4.91 -2.93
CA PHE A 52 -9.81 3.58 -2.73
C PHE A 52 -8.96 3.54 -1.46
N THR A 53 -9.48 2.87 -0.44
CA THR A 53 -8.83 2.84 0.87
C THR A 53 -8.38 1.43 1.23
N ALA A 54 -7.13 1.30 1.67
CA ALA A 54 -6.61 0.02 2.12
C ALA A 54 -5.53 0.20 3.17
N MET A 55 -5.07 -0.90 3.75
CA MET A 55 -4.06 -0.86 4.80
C MET A 55 -3.35 -2.21 4.93
N GLY A 56 -2.20 -2.20 5.60
CA GLY A 56 -1.41 -3.42 5.79
C GLY A 56 -0.40 -3.24 6.91
N ALA A 57 0.40 -4.28 7.14
CA ALA A 57 1.36 -4.29 8.23
C ALA A 57 2.53 -5.20 7.92
N GLY A 58 3.66 -4.95 8.58
CA GLY A 58 4.87 -5.74 8.36
C GLY A 58 5.85 -5.58 9.52
N ARG A 59 7.05 -6.15 9.37
CA ARG A 59 8.04 -6.14 10.43
C ARG A 59 8.75 -4.81 10.51
N SER A 60 8.66 -4.02 9.44
CA SER A 60 9.24 -2.69 9.41
C SER A 60 8.28 -1.69 8.78
N LYS A 61 8.58 -0.40 8.95
CA LYS A 61 7.78 0.66 8.37
C LYS A 61 7.72 0.54 6.84
N LYS A 62 8.86 0.21 6.24
CA LYS A 62 8.94 0.03 4.80
C LYS A 62 8.09 -1.15 4.35
N GLU A 63 8.29 -2.30 5.00
CA GLU A 63 7.55 -3.51 4.66
C GLU A 63 6.05 -3.32 4.84
N ALA A 64 5.68 -2.62 5.91
CA ALA A 64 4.27 -2.33 6.18
C ALA A 64 3.66 -1.48 5.07
N LYS A 65 4.43 -0.49 4.61
CA LYS A 65 3.98 0.36 3.51
C LYS A 65 3.78 -0.44 2.23
N HIS A 66 4.66 -1.42 2.02
CA HIS A 66 4.52 -2.33 0.87
C HIS A 66 3.23 -3.13 0.97
N ALA A 67 2.92 -3.61 2.16
CA ALA A 67 1.69 -4.37 2.39
C ALA A 67 0.46 -3.51 2.15
N ALA A 68 0.51 -2.26 2.59
CA ALA A 68 -0.58 -1.32 2.41
C ALA A 68 -0.80 -1.03 0.92
N ALA A 69 0.29 -0.74 0.22
CA ALA A 69 0.23 -0.46 -1.21
C ALA A 69 -0.26 -1.67 -1.99
N ARG A 70 0.18 -2.86 -1.57
CA ARG A 70 -0.27 -4.10 -2.19
C ARG A 70 -1.79 -4.21 -2.14
N ALA A 71 -2.34 -4.15 -0.93
CA ALA A 71 -3.79 -4.27 -0.74
C ALA A 71 -4.52 -3.16 -1.48
N LEU A 72 -3.94 -1.96 -1.48
CA LEU A 72 -4.54 -0.82 -2.16
C LEU A 72 -4.73 -1.10 -3.64
N ILE A 73 -3.66 -1.54 -4.30
CA ILE A 73 -3.70 -1.82 -5.73
C ILE A 73 -4.60 -3.01 -6.04
N ASP A 74 -4.54 -4.02 -5.18
CA ASP A 74 -5.40 -5.19 -5.31
C ASP A 74 -6.87 -4.78 -5.33
N LYS A 75 -7.23 -3.83 -4.48
CA LYS A 75 -8.57 -3.27 -4.48
C LYS A 75 -8.85 -2.51 -5.77
N LEU A 76 -7.91 -1.66 -6.17
CA LEU A 76 -8.06 -0.87 -7.38
C LEU A 76 -8.32 -1.74 -8.59
N ILE A 77 -7.47 -2.75 -8.79
CA ILE A 77 -7.59 -3.63 -9.94
C ILE A 77 -8.73 -4.62 -9.76
N GLY A 78 -8.82 -5.21 -8.58
CA GLY A 78 -9.77 -6.29 -8.33
C GLY A 78 -9.11 -7.65 -8.51
N ALA A 79 -7.81 -7.72 -8.23
CA ALA A 79 -7.03 -8.93 -8.48
C ALA A 79 -5.65 -8.84 -7.83
N GLN A 80 -5.00 -9.98 -7.68
CA GLN A 80 -3.70 -10.04 -7.04
C GLN A 80 -2.63 -9.38 -7.90
N LEU A 81 -2.01 -8.34 -7.38
CA LEU A 81 -0.91 -7.67 -8.07
C LEU A 81 0.33 -8.56 -8.13
N PRO A 82 0.77 -8.88 -9.34
CA PRO A 82 2.03 -9.59 -9.53
C PRO A 82 3.20 -8.80 -8.97
N GLU A 83 4.10 -9.49 -8.29
CA GLU A 83 5.28 -8.86 -7.70
C GLU A 83 6.53 -9.68 -7.97
N ASN A 1 -4.75 -10.44 -13.60
CA ASN A 1 -3.57 -10.39 -12.73
C ASN A 1 -2.76 -9.13 -12.99
N GLY A 2 -2.14 -8.60 -11.93
CA GLY A 2 -1.32 -7.40 -12.04
C GLY A 2 0.16 -7.76 -12.10
N LEU A 3 0.98 -6.95 -11.45
CA LEU A 3 2.43 -7.16 -11.46
C LEU A 3 2.88 -7.91 -10.22
N ALA A 4 4.10 -8.45 -10.28
CA ALA A 4 4.65 -9.22 -9.17
C ALA A 4 4.79 -8.37 -7.92
N MET A 5 4.61 -9.00 -6.77
CA MET A 5 4.62 -8.28 -5.49
C MET A 5 6.05 -8.10 -4.98
N LYS A 6 6.84 -7.32 -5.72
CA LYS A 6 8.20 -7.01 -5.30
C LYS A 6 8.25 -5.67 -4.56
N THR A 7 7.85 -4.62 -5.25
CA THR A 7 7.76 -3.29 -4.63
C THR A 7 6.41 -2.65 -4.91
N PRO A 8 5.38 -3.12 -4.21
CA PRO A 8 4.02 -2.65 -4.45
C PRO A 8 3.94 -1.13 -4.42
N VAL A 9 4.71 -0.52 -3.52
CA VAL A 9 4.71 0.92 -3.38
C VAL A 9 5.06 1.61 -4.68
N SER A 10 6.12 1.14 -5.34
CA SER A 10 6.58 1.72 -6.58
C SER A 10 5.59 1.45 -7.72
N ILE A 11 4.91 0.32 -7.64
CA ILE A 11 3.86 -0.02 -8.59
C ILE A 11 2.67 0.94 -8.46
N LEU A 12 2.26 1.18 -7.21
CA LEU A 12 1.21 2.14 -6.93
C LEU A 12 1.56 3.52 -7.50
N GLN A 13 2.79 3.96 -7.25
CA GLN A 13 3.26 5.25 -7.73
C GLN A 13 3.14 5.34 -9.25
N GLU A 14 3.56 4.28 -9.94
CA GLU A 14 3.48 4.23 -11.40
C GLU A 14 2.02 4.31 -11.86
N LEU A 15 1.16 3.54 -11.23
CA LEU A 15 -0.25 3.50 -11.61
C LEU A 15 -0.90 4.87 -11.43
N LEU A 16 -0.63 5.51 -10.31
CA LEU A 16 -1.29 6.77 -9.97
C LEU A 16 -0.60 7.95 -10.64
N SER A 17 0.65 7.76 -11.06
CA SER A 17 1.32 8.72 -11.92
C SER A 17 0.68 8.80 -13.29
N ARG A 18 0.26 7.64 -13.80
CA ARG A 18 -0.45 7.58 -15.07
C ARG A 18 -1.86 8.14 -14.95
N ARG A 19 -2.49 7.92 -13.80
CA ARG A 19 -3.83 8.43 -13.55
C ARG A 19 -3.79 9.91 -13.18
N GLY A 20 -2.71 10.33 -12.53
CA GLY A 20 -2.57 11.72 -12.10
C GLY A 20 -3.19 11.92 -10.72
N ILE A 21 -3.13 10.90 -9.88
CA ILE A 21 -3.71 10.94 -8.55
C ILE A 21 -2.63 10.94 -7.47
N THR A 22 -2.77 11.84 -6.50
CA THR A 22 -1.84 11.90 -5.38
C THR A 22 -2.40 11.18 -4.15
N PRO A 23 -1.78 10.07 -3.78
CA PRO A 23 -2.23 9.28 -2.64
C PRO A 23 -1.71 9.88 -1.33
N GLY A 24 -2.26 9.42 -0.22
CA GLY A 24 -1.76 9.79 1.10
C GLY A 24 -1.84 8.62 2.07
N TYR A 25 -0.90 8.56 3.01
CA TYR A 25 -0.85 7.49 3.99
C TYR A 25 -0.26 7.97 5.30
N GLU A 26 -0.48 7.20 6.36
CA GLU A 26 0.06 7.54 7.68
C GLU A 26 0.23 6.29 8.53
N LEU A 27 1.10 6.38 9.53
CA LEU A 27 1.27 5.30 10.50
C LEU A 27 0.12 5.26 11.49
N VAL A 28 -0.54 4.12 11.57
CA VAL A 28 -1.69 3.95 12.47
C VAL A 28 -1.24 3.58 13.87
N GLN A 29 -0.52 2.48 13.99
CA GLN A 29 -0.07 2.00 15.30
C GLN A 29 1.05 0.97 15.14
N ILE A 30 1.78 0.73 16.23
CA ILE A 30 2.83 -0.27 16.24
C ILE A 30 2.52 -1.39 17.21
N GLU A 31 2.59 -2.63 16.73
CA GLU A 31 2.18 -3.78 17.52
C GLU A 31 3.37 -4.70 17.80
N GLY A 32 3.12 -5.78 18.51
CA GLY A 32 4.10 -6.84 18.68
C GLY A 32 5.12 -6.49 19.76
N ALA A 33 6.27 -7.13 19.72
CA ALA A 33 7.30 -6.95 20.74
C ALA A 33 8.19 -5.75 20.42
N ILE A 34 8.90 -5.26 21.43
CA ILE A 34 9.90 -4.22 21.23
C ILE A 34 11.02 -4.68 20.31
N HIS A 35 11.38 -5.95 20.42
CA HIS A 35 12.48 -6.51 19.65
C HIS A 35 12.10 -6.69 18.19
N GLU A 36 10.80 -6.87 17.94
CA GLU A 36 10.30 -6.98 16.57
C GLU A 36 8.97 -6.24 16.42
N PRO A 37 9.03 -4.92 16.34
CA PRO A 37 7.84 -4.10 16.17
C PRO A 37 7.13 -4.44 14.87
N THR A 38 5.79 -4.40 14.91
CA THR A 38 4.98 -4.53 13.70
C THR A 38 4.27 -3.23 13.37
N PHE A 39 4.51 -2.73 12.16
CA PHE A 39 4.03 -1.41 11.77
C PHE A 39 2.74 -1.51 10.96
N ARG A 40 1.70 -0.83 11.44
CA ARG A 40 0.42 -0.80 10.72
C ARG A 40 0.22 0.56 10.05
N PHE A 41 0.14 0.53 8.72
CA PHE A 41 -0.05 1.77 7.95
C PHE A 41 -1.42 1.79 7.29
N ARG A 42 -1.96 2.98 7.08
CA ARG A 42 -3.19 3.16 6.32
C ARG A 42 -2.98 4.10 5.15
N VAL A 43 -3.52 3.71 3.99
CA VAL A 43 -3.32 4.48 2.77
C VAL A 43 -4.62 4.59 1.98
N SER A 44 -4.86 5.76 1.40
CA SER A 44 -6.09 6.02 0.67
C SER A 44 -5.89 7.08 -0.40
N PHE A 45 -6.64 6.97 -1.50
CA PHE A 45 -6.67 8.01 -2.51
C PHE A 45 -8.02 8.02 -3.24
N LYS A 46 -8.33 9.16 -3.87
CA LYS A 46 -9.57 9.29 -4.62
C LYS A 46 -9.30 9.47 -6.11
N ASP A 47 -9.57 8.44 -6.89
CA ASP A 47 -9.36 8.49 -8.33
C ASP A 47 -10.58 9.03 -9.05
N LYS A 48 -10.59 10.34 -9.28
CA LYS A 48 -11.76 11.00 -9.86
C LYS A 48 -12.99 10.81 -8.98
N ASP A 49 -12.89 11.22 -7.72
CA ASP A 49 -13.97 11.03 -6.76
C ASP A 49 -14.31 9.56 -6.59
N THR A 50 -13.28 8.73 -6.54
CA THR A 50 -13.46 7.31 -6.27
C THR A 50 -12.50 6.82 -5.18
N PRO A 51 -12.99 6.81 -3.95
CA PRO A 51 -12.15 6.46 -2.80
C PRO A 51 -11.63 5.03 -2.93
N PHE A 52 -10.32 4.87 -2.85
CA PHE A 52 -9.72 3.56 -2.62
C PHE A 52 -8.92 3.55 -1.32
N THR A 53 -9.41 2.80 -0.35
CA THR A 53 -8.77 2.74 0.97
C THR A 53 -8.35 1.31 1.31
N ALA A 54 -7.14 1.17 1.84
CA ALA A 54 -6.62 -0.14 2.23
C ALA A 54 -5.61 -0.01 3.37
N MET A 55 -5.42 -1.11 4.09
CA MET A 55 -4.48 -1.13 5.20
C MET A 55 -3.56 -2.34 5.12
N GLY A 56 -2.38 -2.23 5.72
CA GLY A 56 -1.42 -3.32 5.74
C GLY A 56 -0.41 -3.16 6.87
N ALA A 57 0.42 -4.18 7.07
CA ALA A 57 1.40 -4.16 8.15
C ALA A 57 2.55 -5.11 7.86
N GLY A 58 3.71 -4.83 8.47
CA GLY A 58 4.90 -5.63 8.23
C GLY A 58 5.92 -5.45 9.35
N ARG A 59 7.09 -6.03 9.19
CA ARG A 59 8.12 -6.03 10.23
C ARG A 59 8.87 -4.71 10.24
N SER A 60 8.76 -3.96 9.14
CA SER A 60 9.37 -2.64 9.05
C SER A 60 8.42 -1.63 8.43
N LYS A 61 8.75 -0.35 8.53
CA LYS A 61 7.93 0.71 7.97
C LYS A 61 7.77 0.55 6.47
N LYS A 62 8.87 0.24 5.80
CA LYS A 62 8.87 0.06 4.34
C LYS A 62 8.04 -1.16 3.95
N GLU A 63 8.28 -2.27 4.63
CA GLU A 63 7.56 -3.50 4.36
C GLU A 63 6.06 -3.33 4.58
N ALA A 64 5.71 -2.63 5.65
CA ALA A 64 4.31 -2.37 5.97
C ALA A 64 3.65 -1.54 4.87
N LYS A 65 4.37 -0.55 4.38
CA LYS A 65 3.88 0.29 3.29
C LYS A 65 3.62 -0.52 2.03
N HIS A 66 4.51 -1.47 1.77
CA HIS A 66 4.34 -2.37 0.62
C HIS A 66 3.12 -3.25 0.79
N ALA A 67 2.91 -3.73 2.02
CA ALA A 67 1.74 -4.55 2.32
C ALA A 67 0.45 -3.78 2.10
N ALA A 68 0.42 -2.54 2.59
CA ALA A 68 -0.75 -1.68 2.42
C ALA A 68 -0.97 -1.35 0.95
N ALA A 69 0.11 -1.01 0.24
CA ALA A 69 0.03 -0.69 -1.17
C ALA A 69 -0.43 -1.90 -1.99
N ARG A 70 0.00 -3.08 -1.58
CA ARG A 70 -0.40 -4.32 -2.25
C ARG A 70 -1.92 -4.46 -2.29
N ALA A 71 -2.53 -4.44 -1.12
CA ALA A 71 -3.98 -4.56 -1.02
C ALA A 71 -4.69 -3.40 -1.71
N LEU A 72 -4.11 -2.22 -1.59
CA LEU A 72 -4.66 -1.02 -2.22
C LEU A 72 -4.71 -1.18 -3.74
N ILE A 73 -3.60 -1.62 -4.32
CA ILE A 73 -3.54 -1.84 -5.76
C ILE A 73 -4.54 -2.89 -6.21
N ASP A 74 -4.63 -3.98 -5.45
CA ASP A 74 -5.59 -5.05 -5.75
C ASP A 74 -6.99 -4.48 -5.93
N LYS A 75 -7.39 -3.57 -5.04
CA LYS A 75 -8.69 -2.93 -5.14
C LYS A 75 -8.77 -2.02 -6.36
N LEU A 76 -7.69 -1.29 -6.62
CA LEU A 76 -7.66 -0.34 -7.73
C LEU A 76 -7.86 -1.05 -9.06
N ILE A 77 -7.07 -2.10 -9.29
CA ILE A 77 -7.07 -2.79 -10.58
C ILE A 77 -8.12 -3.89 -10.60
N GLY A 78 -8.61 -4.27 -9.43
CA GLY A 78 -9.66 -5.27 -9.32
C GLY A 78 -9.11 -6.67 -9.59
N ALA A 79 -7.91 -6.94 -9.10
CA ALA A 79 -7.23 -8.19 -9.38
C ALA A 79 -6.06 -8.41 -8.42
N GLN A 80 -5.76 -9.67 -8.15
CA GLN A 80 -4.67 -10.01 -7.25
C GLN A 80 -3.31 -9.82 -7.92
N LEU A 81 -2.41 -9.10 -7.24
CA LEU A 81 -1.02 -9.04 -7.65
C LEU A 81 -0.32 -10.38 -7.43
N PRO A 82 0.18 -10.96 -8.51
CA PRO A 82 0.95 -12.20 -8.44
C PRO A 82 2.16 -12.04 -7.53
N GLU A 83 2.58 -13.14 -6.91
CA GLU A 83 3.76 -13.14 -6.07
C GLU A 83 5.02 -12.81 -6.87
N ASN A 1 4.55 -4.10 -19.93
CA ASN A 1 5.96 -3.88 -19.60
C ASN A 1 6.12 -2.63 -18.75
N GLY A 2 7.18 -2.60 -17.95
CA GLY A 2 7.47 -1.44 -17.09
C GLY A 2 7.14 -1.75 -15.64
N LEU A 3 6.40 -2.83 -15.42
CA LEU A 3 6.03 -3.25 -14.07
C LEU A 3 7.02 -4.26 -13.51
N ALA A 4 7.23 -4.22 -12.19
CA ALA A 4 8.15 -5.13 -11.54
C ALA A 4 7.41 -6.34 -10.97
N MET A 5 8.03 -7.51 -11.12
CA MET A 5 7.48 -8.73 -10.53
C MET A 5 7.96 -8.91 -9.09
N LYS A 6 9.13 -8.35 -8.79
CA LYS A 6 9.67 -8.39 -7.44
C LYS A 6 9.03 -7.33 -6.55
N THR A 7 8.50 -6.28 -7.19
CA THR A 7 7.82 -5.21 -6.46
C THR A 7 6.42 -4.96 -7.03
N PRO A 8 5.44 -5.70 -6.51
CA PRO A 8 4.06 -5.55 -6.96
C PRO A 8 3.58 -4.11 -6.79
N VAL A 9 4.17 -3.41 -5.82
CA VAL A 9 3.78 -2.04 -5.52
C VAL A 9 3.95 -1.14 -6.74
N SER A 10 4.84 -1.54 -7.64
CA SER A 10 5.12 -0.76 -8.83
C SER A 10 3.86 -0.60 -9.69
N ILE A 11 2.92 -1.52 -9.52
CA ILE A 11 1.63 -1.43 -10.20
C ILE A 11 0.87 -0.18 -9.77
N LEU A 12 0.75 0.01 -8.45
CA LEU A 12 0.13 1.22 -7.91
C LEU A 12 0.86 2.47 -8.37
N GLN A 13 2.19 2.43 -8.30
CA GLN A 13 3.01 3.57 -8.68
C GLN A 13 2.75 3.98 -10.13
N GLU A 14 2.66 2.98 -11.00
CA GLU A 14 2.43 3.23 -12.43
C GLU A 14 1.02 3.78 -12.66
N LEU A 15 0.04 3.19 -12.00
CA LEU A 15 -1.35 3.62 -12.15
C LEU A 15 -1.52 5.07 -11.70
N LEU A 16 -0.94 5.40 -10.56
CA LEU A 16 -1.08 6.74 -10.00
C LEU A 16 -0.25 7.75 -10.77
N SER A 17 0.85 7.29 -11.36
CA SER A 17 1.67 8.14 -12.22
C SER A 17 0.92 8.52 -13.49
N ARG A 18 0.20 7.56 -14.05
CA ARG A 18 -0.59 7.80 -15.26
C ARG A 18 -1.76 8.72 -14.97
N ARG A 19 -2.38 8.55 -13.81
CA ARG A 19 -3.51 9.37 -13.41
C ARG A 19 -3.06 10.73 -12.89
N GLY A 20 -1.86 10.76 -12.31
CA GLY A 20 -1.33 12.00 -11.75
C GLY A 20 -1.86 12.25 -10.35
N ILE A 21 -2.05 11.17 -9.59
CA ILE A 21 -2.59 11.27 -8.23
C ILE A 21 -1.54 10.91 -7.19
N THR A 22 -1.41 11.78 -6.19
CA THR A 22 -0.47 11.53 -5.09
C THR A 22 -1.14 10.77 -3.96
N PRO A 23 -0.60 9.61 -3.62
CA PRO A 23 -1.14 8.77 -2.56
C PRO A 23 -0.73 9.31 -1.19
N GLY A 24 -1.58 9.07 -0.19
CA GLY A 24 -1.26 9.43 1.19
C GLY A 24 -1.11 8.20 2.07
N TYR A 25 -0.29 8.31 3.11
CA TYR A 25 -0.08 7.22 4.04
C TYR A 25 -0.36 7.67 5.48
N GLU A 26 -0.80 6.74 6.31
CA GLU A 26 -1.16 7.05 7.69
C GLU A 26 -0.74 5.93 8.63
N LEU A 27 -0.10 6.32 9.74
CA LEU A 27 0.25 5.36 10.78
C LEU A 27 -0.97 4.90 11.56
N VAL A 28 -1.25 3.60 11.51
CA VAL A 28 -2.42 3.04 12.16
C VAL A 28 -2.09 2.60 13.59
N GLN A 29 -1.12 1.71 13.72
CA GLN A 29 -0.80 1.11 15.02
C GLN A 29 0.53 0.37 14.96
N ILE A 30 1.33 0.52 16.00
CA ILE A 30 2.56 -0.25 16.15
C ILE A 30 2.48 -1.20 17.33
N GLU A 31 2.56 -2.50 17.04
CA GLU A 31 2.45 -3.52 18.07
C GLU A 31 3.20 -4.79 17.69
N GLY A 32 3.70 -5.50 18.69
CA GLY A 32 4.45 -6.72 18.46
C GLY A 32 5.59 -6.86 19.48
N ALA A 33 6.74 -7.34 19.01
CA ALA A 33 7.89 -7.54 19.87
C ALA A 33 8.67 -6.25 20.07
N ILE A 34 9.45 -6.19 21.14
CA ILE A 34 10.28 -5.03 21.42
C ILE A 34 11.33 -4.83 20.35
N HIS A 35 12.01 -5.91 19.99
CA HIS A 35 13.06 -5.85 18.98
C HIS A 35 12.48 -5.96 17.57
N GLU A 36 11.26 -6.47 17.48
CA GLU A 36 10.60 -6.67 16.19
C GLU A 36 9.11 -6.38 16.28
N PRO A 37 8.76 -5.10 16.42
CA PRO A 37 7.37 -4.67 16.40
C PRO A 37 6.79 -4.70 15.00
N THR A 38 5.49 -4.95 14.91
CA THR A 38 4.80 -4.92 13.62
C THR A 38 4.16 -3.55 13.37
N PHE A 39 4.38 -3.01 12.18
CA PHE A 39 3.89 -1.68 11.84
C PHE A 39 2.65 -1.77 10.95
N ARG A 40 1.59 -1.09 11.36
CA ARG A 40 0.38 -1.02 10.56
C ARG A 40 0.21 0.36 9.93
N PHE A 41 0.14 0.39 8.60
CA PHE A 41 -0.03 1.64 7.87
C PHE A 41 -1.23 1.56 6.93
N ARG A 42 -1.83 2.72 6.64
CA ARG A 42 -2.94 2.80 5.70
C ARG A 42 -2.59 3.69 4.51
N VAL A 43 -3.08 3.30 3.35
CA VAL A 43 -2.85 4.08 2.13
C VAL A 43 -4.17 4.47 1.47
N SER A 44 -4.23 5.69 0.96
CA SER A 44 -5.48 6.24 0.42
C SER A 44 -5.20 7.24 -0.70
N PHE A 45 -6.10 7.29 -1.67
CA PHE A 45 -6.06 8.33 -2.69
C PHE A 45 -7.44 8.56 -3.29
N LYS A 46 -7.63 9.72 -3.90
CA LYS A 46 -8.91 10.08 -4.50
C LYS A 46 -8.84 10.04 -6.02
N ASP A 47 -9.84 9.43 -6.64
CA ASP A 47 -9.92 9.38 -8.10
C ASP A 47 -11.27 8.84 -8.56
N LYS A 48 -11.65 9.17 -9.78
CA LYS A 48 -12.93 8.75 -10.33
C LYS A 48 -14.08 9.14 -9.42
N ASP A 49 -13.94 10.29 -8.77
CA ASP A 49 -14.99 10.82 -7.90
C ASP A 49 -15.33 9.83 -6.80
N THR A 50 -14.32 9.09 -6.34
CA THR A 50 -14.49 8.19 -5.21
C THR A 50 -13.17 7.97 -4.48
N PRO A 51 -13.24 7.86 -3.16
CA PRO A 51 -12.04 7.64 -2.34
C PRO A 51 -11.61 6.19 -2.39
N PHE A 52 -10.29 5.96 -2.32
CA PHE A 52 -9.75 4.61 -2.16
C PHE A 52 -8.93 4.50 -0.88
N THR A 53 -8.99 3.34 -0.25
CA THR A 53 -8.28 3.10 1.01
C THR A 53 -7.95 1.64 1.19
N ALA A 54 -6.81 1.36 1.82
CA ALA A 54 -6.43 0.00 2.16
C ALA A 54 -5.40 -0.01 3.28
N MET A 55 -5.40 -1.08 4.07
CA MET A 55 -4.56 -1.17 5.26
C MET A 55 -3.69 -2.42 5.21
N GLY A 56 -2.40 -2.25 5.50
CA GLY A 56 -1.46 -3.36 5.51
C GLY A 56 -0.52 -3.28 6.71
N ALA A 57 0.43 -4.20 6.77
CA ALA A 57 1.37 -4.25 7.89
C ALA A 57 2.64 -5.00 7.50
N GLY A 58 3.74 -4.67 8.17
CA GLY A 58 5.03 -5.28 7.89
C GLY A 58 5.98 -5.15 9.06
N ARG A 59 7.23 -5.55 8.86
CA ARG A 59 8.22 -5.55 9.93
C ARG A 59 8.83 -4.17 10.12
N SER A 60 8.65 -3.30 9.13
CA SER A 60 9.14 -1.93 9.21
C SER A 60 8.10 -0.95 8.68
N LYS A 61 8.33 0.33 8.93
CA LYS A 61 7.43 1.38 8.45
C LYS A 61 7.33 1.37 6.94
N LYS A 62 8.47 1.23 6.27
CA LYS A 62 8.51 1.20 4.81
C LYS A 62 7.81 -0.03 4.26
N GLU A 63 8.16 -1.19 4.82
CA GLU A 63 7.56 -2.45 4.39
C GLU A 63 6.06 -2.47 4.61
N ALA A 64 5.62 -1.92 5.73
CA ALA A 64 4.20 -1.84 6.05
C ALA A 64 3.45 -0.99 5.02
N LYS A 65 4.06 0.12 4.62
CA LYS A 65 3.49 0.97 3.59
C LYS A 65 3.35 0.22 2.27
N HIS A 66 4.35 -0.60 1.96
CA HIS A 66 4.32 -1.42 0.75
C HIS A 66 3.21 -2.47 0.83
N ALA A 67 3.05 -3.07 2.01
CA ALA A 67 2.00 -4.05 2.23
C ALA A 67 0.62 -3.42 2.05
N ALA A 68 0.45 -2.22 2.57
CA ALA A 68 -0.78 -1.47 2.38
C ALA A 68 -1.03 -1.16 0.91
N ALA A 69 0.04 -0.79 0.22
CA ALA A 69 -0.05 -0.49 -1.21
C ALA A 69 -0.50 -1.72 -2.00
N ARG A 70 0.03 -2.88 -1.63
CA ARG A 70 -0.33 -4.13 -2.29
C ARG A 70 -1.79 -4.48 -2.04
N ALA A 71 -2.24 -4.28 -0.81
CA ALA A 71 -3.64 -4.46 -0.46
C ALA A 71 -4.53 -3.51 -1.26
N LEU A 72 -4.06 -2.28 -1.45
CA LEU A 72 -4.78 -1.32 -2.28
C LEU A 72 -4.86 -1.78 -3.72
N ILE A 73 -3.75 -2.27 -4.25
CA ILE A 73 -3.72 -2.81 -5.61
C ILE A 73 -4.74 -3.93 -5.78
N ASP A 74 -4.76 -4.85 -4.82
CA ASP A 74 -5.72 -5.95 -4.83
C ASP A 74 -7.14 -5.46 -5.08
N LYS A 75 -7.51 -4.39 -4.38
CA LYS A 75 -8.83 -3.78 -4.54
C LYS A 75 -8.98 -3.16 -5.92
N LEU A 76 -7.92 -2.51 -6.39
CA LEU A 76 -7.97 -1.78 -7.65
C LEU A 76 -8.14 -2.73 -8.83
N ILE A 77 -7.44 -3.87 -8.77
CA ILE A 77 -7.46 -4.83 -9.87
C ILE A 77 -8.51 -5.90 -9.64
N GLY A 78 -8.98 -6.03 -8.40
CA GLY A 78 -10.02 -6.98 -8.06
C GLY A 78 -9.48 -8.40 -8.03
N ALA A 79 -8.27 -8.56 -7.52
CA ALA A 79 -7.59 -9.85 -7.54
C ALA A 79 -6.41 -9.86 -6.58
N GLN A 80 -6.08 -11.04 -6.05
CA GLN A 80 -4.97 -11.19 -5.12
C GLN A 80 -3.63 -11.21 -5.86
N LEU A 81 -2.75 -10.30 -5.48
CA LEU A 81 -1.39 -10.30 -6.01
C LEU A 81 -0.65 -11.57 -5.63
N PRO A 82 0.06 -12.15 -6.60
CA PRO A 82 0.79 -13.39 -6.38
C PRO A 82 2.05 -13.16 -5.58
N GLU A 83 2.57 -14.21 -4.95
CA GLU A 83 3.81 -14.13 -4.18
C GLU A 83 4.36 -15.51 -3.87
N ASN A 1 8.54 -11.61 -11.96
CA ASN A 1 7.42 -10.70 -11.75
C ASN A 1 6.97 -10.06 -13.06
N GLY A 2 7.90 -9.39 -13.72
CA GLY A 2 7.62 -8.77 -15.01
C GLY A 2 6.89 -7.45 -14.84
N LEU A 3 7.11 -6.80 -13.70
CA LEU A 3 6.44 -5.54 -13.39
C LEU A 3 7.34 -4.34 -13.68
N ALA A 4 6.73 -3.22 -14.05
CA ALA A 4 7.48 -2.03 -14.42
C ALA A 4 8.25 -1.46 -13.24
N MET A 5 7.58 -1.40 -12.09
CA MET A 5 8.19 -0.86 -10.87
C MET A 5 8.48 -1.97 -9.86
N LYS A 6 9.46 -1.73 -9.00
CA LYS A 6 9.94 -2.75 -8.09
C LYS A 6 8.96 -2.97 -6.93
N THR A 7 8.75 -1.93 -6.14
CA THR A 7 7.99 -2.05 -4.90
C THR A 7 6.51 -1.79 -5.14
N PRO A 8 5.67 -2.42 -4.34
CA PRO A 8 4.22 -2.23 -4.43
C PRO A 8 3.87 -0.75 -4.35
N VAL A 9 4.59 -0.02 -3.51
CA VAL A 9 4.34 1.41 -3.33
C VAL A 9 4.64 2.17 -4.62
N SER A 10 5.80 1.90 -5.21
CA SER A 10 6.20 2.57 -6.44
C SER A 10 5.32 2.14 -7.62
N ILE A 11 4.81 0.91 -7.54
CA ILE A 11 3.84 0.43 -8.53
C ILE A 11 2.54 1.21 -8.44
N LEU A 12 2.02 1.36 -7.23
CA LEU A 12 0.80 2.12 -7.00
C LEU A 12 0.97 3.57 -7.42
N GLN A 13 2.10 4.17 -7.03
CA GLN A 13 2.40 5.55 -7.39
C GLN A 13 2.44 5.73 -8.90
N GLU A 14 3.05 4.77 -9.59
CA GLU A 14 3.10 4.78 -11.04
C GLU A 14 1.70 4.75 -11.65
N LEU A 15 0.89 3.81 -11.18
CA LEU A 15 -0.46 3.62 -11.71
C LEU A 15 -1.31 4.86 -11.49
N LEU A 16 -1.16 5.47 -10.33
CA LEU A 16 -2.00 6.61 -9.94
C LEU A 16 -1.50 7.90 -10.57
N SER A 17 -0.18 8.05 -10.62
CA SER A 17 0.42 9.29 -11.12
C SER A 17 0.10 9.49 -12.60
N ARG A 18 -0.17 8.40 -13.31
CA ARG A 18 -0.61 8.47 -14.69
C ARG A 18 -1.98 9.12 -14.80
N ARG A 19 -2.70 9.15 -13.69
CA ARG A 19 -4.02 9.77 -13.64
C ARG A 19 -3.98 11.11 -12.91
N GLY A 20 -2.77 11.53 -12.53
CA GLY A 20 -2.59 12.76 -11.77
C GLY A 20 -2.94 12.57 -10.30
N ILE A 21 -2.85 11.32 -9.84
CA ILE A 21 -3.24 10.98 -8.48
C ILE A 21 -2.04 10.56 -7.65
N THR A 22 -1.97 11.07 -6.42
CA THR A 22 -0.92 10.68 -5.49
C THR A 22 -1.49 9.98 -4.27
N PRO A 23 -1.00 8.79 -3.97
CA PRO A 23 -1.46 8.03 -2.81
C PRO A 23 -0.91 8.62 -1.52
N GLY A 24 -1.68 8.49 -0.45
CA GLY A 24 -1.27 9.02 0.85
C GLY A 24 -1.05 7.89 1.85
N TYR A 25 0.17 7.80 2.38
CA TYR A 25 0.50 6.81 3.39
C TYR A 25 0.57 7.44 4.78
N GLU A 26 0.06 6.73 5.78
CA GLU A 26 0.13 7.20 7.15
C GLU A 26 0.16 6.02 8.13
N LEU A 27 0.71 6.26 9.31
CA LEU A 27 0.81 5.22 10.34
C LEU A 27 -0.53 4.98 11.02
N VAL A 28 -0.95 3.73 11.07
CA VAL A 28 -2.15 3.34 11.80
C VAL A 28 -1.83 3.06 13.27
N GLN A 29 -0.89 2.16 13.50
CA GLN A 29 -0.54 1.73 14.84
C GLN A 29 0.71 0.86 14.85
N ILE A 30 1.60 1.11 15.80
CA ILE A 30 2.73 0.23 16.04
C ILE A 30 2.43 -0.76 17.17
N GLU A 31 2.55 -2.05 16.89
CA GLU A 31 2.12 -3.09 17.81
C GLU A 31 3.02 -4.31 17.71
N GLY A 32 3.59 -4.72 18.85
CA GLY A 32 4.41 -5.92 18.91
C GLY A 32 5.56 -5.75 19.91
N ALA A 33 6.64 -6.47 19.68
CA ALA A 33 7.79 -6.43 20.58
C ALA A 33 8.49 -5.07 20.53
N ILE A 34 9.13 -4.70 21.63
CA ILE A 34 9.86 -3.45 21.70
C ILE A 34 10.98 -3.40 20.67
N HIS A 35 11.69 -4.51 20.52
CA HIS A 35 12.84 -4.57 19.62
C HIS A 35 12.40 -4.80 18.19
N GLU A 36 11.29 -5.52 18.02
CA GLU A 36 10.77 -5.82 16.69
C GLU A 36 9.26 -5.76 16.66
N PRO A 37 8.71 -4.54 16.69
CA PRO A 37 7.28 -4.34 16.63
C PRO A 37 6.75 -4.50 15.21
N THR A 38 5.46 -4.81 15.09
CA THR A 38 4.81 -4.83 13.79
C THR A 38 4.18 -3.48 13.46
N PHE A 39 4.43 -2.99 12.25
CA PHE A 39 3.97 -1.68 11.84
C PHE A 39 2.70 -1.78 10.99
N ARG A 40 1.68 -1.03 11.38
CA ARG A 40 0.44 -0.97 10.62
C ARG A 40 0.31 0.35 9.87
N PHE A 41 0.26 0.27 8.55
CA PHE A 41 0.05 1.44 7.71
C PHE A 41 -1.17 1.28 6.83
N ARG A 42 -1.69 2.41 6.33
CA ARG A 42 -2.84 2.39 5.44
C ARG A 42 -2.72 3.47 4.37
N VAL A 43 -3.50 3.33 3.31
CA VAL A 43 -3.49 4.29 2.21
C VAL A 43 -4.83 4.98 2.07
N SER A 44 -4.80 6.30 1.93
CA SER A 44 -6.02 7.09 1.82
C SER A 44 -5.87 8.22 0.82
N PHE A 45 -6.71 8.20 -0.22
CA PHE A 45 -6.75 9.28 -1.19
C PHE A 45 -8.05 9.27 -1.99
N LYS A 46 -8.31 10.34 -2.72
CA LYS A 46 -9.51 10.44 -3.54
C LYS A 46 -9.16 10.75 -4.99
N ASP A 47 -9.65 9.92 -5.89
CA ASP A 47 -9.52 10.17 -7.32
C ASP A 47 -10.75 10.89 -7.87
N LYS A 48 -10.72 12.21 -7.82
CA LYS A 48 -11.88 13.02 -8.20
C LYS A 48 -13.09 12.69 -7.34
N ASP A 49 -12.94 12.87 -6.03
CA ASP A 49 -13.98 12.48 -5.08
C ASP A 49 -14.26 10.99 -5.15
N THR A 50 -13.20 10.20 -5.25
CA THR A 50 -13.32 8.74 -5.23
C THR A 50 -12.41 8.13 -4.18
N PRO A 51 -12.95 7.96 -2.98
CA PRO A 51 -12.16 7.45 -1.85
C PRO A 51 -11.61 6.06 -2.15
N PHE A 52 -10.30 5.92 -2.01
CA PHE A 52 -9.68 4.59 -1.98
C PHE A 52 -9.03 4.31 -0.62
N THR A 53 -9.25 3.10 -0.12
CA THR A 53 -8.75 2.73 1.20
C THR A 53 -8.07 1.36 1.16
N ALA A 54 -6.90 1.27 1.78
CA ALA A 54 -6.22 -0.01 1.94
C ALA A 54 -5.36 -0.01 3.21
N MET A 55 -5.12 -1.20 3.75
CA MET A 55 -4.39 -1.34 5.01
C MET A 55 -3.55 -2.61 5.01
N GLY A 56 -2.36 -2.52 5.57
CA GLY A 56 -1.46 -3.67 5.68
C GLY A 56 -0.46 -3.48 6.82
N ALA A 57 0.42 -4.46 6.98
CA ALA A 57 1.39 -4.45 8.07
C ALA A 57 2.61 -5.29 7.74
N GLY A 58 3.73 -4.99 8.40
CA GLY A 58 4.97 -5.73 8.19
C GLY A 58 5.94 -5.51 9.34
N ARG A 59 7.17 -5.98 9.16
CA ARG A 59 8.18 -5.91 10.21
C ARG A 59 8.78 -4.52 10.30
N SER A 60 8.59 -3.72 9.25
CA SER A 60 9.08 -2.35 9.23
C SER A 60 8.06 -1.41 8.61
N LYS A 61 8.31 -0.10 8.71
CA LYS A 61 7.46 0.90 8.09
C LYS A 61 7.40 0.70 6.58
N LYS A 62 8.51 0.30 5.99
CA LYS A 62 8.57 0.07 4.55
C LYS A 62 7.71 -1.12 4.14
N GLU A 63 7.87 -2.23 4.85
CA GLU A 63 7.12 -3.45 4.54
C GLU A 63 5.63 -3.24 4.76
N ALA A 64 5.29 -2.47 5.79
CA ALA A 64 3.90 -2.17 6.09
C ALA A 64 3.26 -1.38 4.95
N LYS A 65 3.98 -0.40 4.43
CA LYS A 65 3.52 0.39 3.30
C LYS A 65 3.36 -0.49 2.06
N HIS A 66 4.29 -1.42 1.87
CA HIS A 66 4.21 -2.37 0.77
C HIS A 66 2.93 -3.19 0.83
N ALA A 67 2.60 -3.66 2.03
CA ALA A 67 1.42 -4.48 2.23
C ALA A 67 0.15 -3.69 1.92
N ALA A 68 0.08 -2.46 2.41
CA ALA A 68 -1.07 -1.60 2.17
C ALA A 68 -1.20 -1.27 0.69
N ALA A 69 -0.06 -1.00 0.04
CA ALA A 69 -0.06 -0.63 -1.37
C ALA A 69 -0.56 -1.76 -2.24
N ARG A 70 -0.01 -2.95 -2.03
CA ARG A 70 -0.35 -4.11 -2.86
C ARG A 70 -1.78 -4.57 -2.60
N ALA A 71 -2.26 -4.32 -1.39
CA ALA A 71 -3.65 -4.61 -1.06
C ALA A 71 -4.61 -3.84 -1.97
N LEU A 72 -4.35 -2.54 -2.13
CA LEU A 72 -5.14 -1.71 -3.02
C LEU A 72 -4.96 -2.13 -4.47
N ILE A 73 -3.72 -2.34 -4.88
CA ILE A 73 -3.41 -2.71 -6.25
C ILE A 73 -4.16 -3.96 -6.67
N ASP A 74 -4.14 -4.97 -5.81
CA ASP A 74 -4.85 -6.22 -6.07
C ASP A 74 -6.32 -5.97 -6.36
N LYS A 75 -6.93 -5.09 -5.60
CA LYS A 75 -8.32 -4.70 -5.82
C LYS A 75 -8.48 -3.97 -7.14
N LEU A 76 -7.51 -3.13 -7.46
CA LEU A 76 -7.58 -2.31 -8.67
C LEU A 76 -7.48 -3.16 -9.93
N ILE A 77 -6.62 -4.16 -9.89
CA ILE A 77 -6.35 -4.99 -11.07
C ILE A 77 -7.20 -6.25 -11.05
N GLY A 78 -7.73 -6.59 -9.87
CA GLY A 78 -8.58 -7.76 -9.72
C GLY A 78 -7.77 -9.05 -9.78
N ALA A 79 -6.60 -9.03 -9.15
CA ALA A 79 -5.67 -10.15 -9.25
C ALA A 79 -4.51 -9.98 -8.27
N GLN A 80 -3.71 -11.03 -8.11
CA GLN A 80 -2.56 -10.99 -7.22
C GLN A 80 -1.37 -10.29 -7.88
N LEU A 81 -0.94 -9.19 -7.28
CA LEU A 81 0.26 -8.50 -7.73
C LEU A 81 1.50 -9.34 -7.49
N PRO A 82 2.23 -9.64 -8.56
CA PRO A 82 3.49 -10.37 -8.45
C PRO A 82 4.45 -9.67 -7.51
N GLU A 83 5.21 -10.45 -6.75
CA GLU A 83 6.17 -9.90 -5.80
C GLU A 83 7.23 -10.94 -5.43
N ASN A 1 8.96 -9.77 -11.74
CA ASN A 1 8.78 -9.57 -13.17
C ASN A 1 8.13 -8.23 -13.46
N GLY A 2 8.96 -7.23 -13.79
CA GLY A 2 8.45 -5.91 -14.14
C GLY A 2 8.77 -4.89 -13.05
N LEU A 3 9.05 -5.39 -11.85
CA LEU A 3 9.37 -4.52 -10.71
C LEU A 3 10.87 -4.28 -10.62
N ALA A 4 11.24 -3.11 -10.10
CA ALA A 4 12.64 -2.74 -9.96
C ALA A 4 13.25 -3.34 -8.71
N MET A 5 14.53 -3.06 -8.50
CA MET A 5 15.23 -3.54 -7.30
C MET A 5 15.25 -2.45 -6.22
N LYS A 6 14.43 -1.42 -6.40
CA LYS A 6 14.35 -0.32 -5.45
C LYS A 6 13.37 -0.65 -4.33
N THR A 7 13.19 0.30 -3.41
CA THR A 7 12.20 0.17 -2.36
C THR A 7 10.82 -0.12 -2.93
N PRO A 8 10.21 -1.21 -2.48
CA PRO A 8 8.93 -1.66 -3.03
C PRO A 8 7.91 -0.53 -2.99
N VAL A 9 7.94 0.26 -1.91
CA VAL A 9 7.04 1.40 -1.77
C VAL A 9 7.26 2.42 -2.88
N SER A 10 8.51 2.78 -3.12
CA SER A 10 8.85 3.77 -4.11
C SER A 10 8.57 3.27 -5.52
N ILE A 11 8.64 1.96 -5.70
CA ILE A 11 8.30 1.34 -6.98
C ILE A 11 6.82 1.49 -7.28
N LEU A 12 5.98 1.20 -6.30
CA LEU A 12 4.53 1.36 -6.45
C LEU A 12 4.15 2.81 -6.64
N GLN A 13 4.85 3.70 -5.94
CA GLN A 13 4.63 5.13 -6.09
C GLN A 13 4.98 5.59 -7.50
N GLU A 14 6.09 5.09 -8.03
CA GLU A 14 6.49 5.39 -9.40
C GLU A 14 5.43 4.91 -10.40
N LEU A 15 4.99 3.67 -10.24
CA LEU A 15 4.01 3.08 -11.13
C LEU A 15 2.71 3.87 -11.11
N LEU A 16 2.26 4.25 -9.92
CA LEU A 16 1.03 5.01 -9.77
C LEU A 16 1.19 6.43 -10.30
N SER A 17 2.35 7.01 -10.06
CA SER A 17 2.65 8.35 -10.57
C SER A 17 2.53 8.41 -12.09
N ARG A 18 2.99 7.35 -12.75
CA ARG A 18 2.86 7.23 -14.20
C ARG A 18 1.39 7.13 -14.62
N ARG A 19 0.60 6.43 -13.79
CA ARG A 19 -0.83 6.31 -14.04
C ARG A 19 -1.56 7.62 -13.75
N GLY A 20 -1.01 8.40 -12.81
CA GLY A 20 -1.65 9.64 -12.40
C GLY A 20 -2.35 9.49 -11.05
N ILE A 21 -1.86 8.55 -10.24
CA ILE A 21 -2.48 8.28 -8.95
C ILE A 21 -1.53 8.63 -7.81
N THR A 22 -1.99 9.51 -6.92
CA THR A 22 -1.21 9.90 -5.75
C THR A 22 -1.95 9.59 -4.46
N PRO A 23 -1.68 8.42 -3.90
CA PRO A 23 -2.34 8.00 -2.66
C PRO A 23 -1.70 8.67 -1.44
N GLY A 24 -2.44 8.68 -0.35
CA GLY A 24 -1.93 9.27 0.90
C GLY A 24 -1.55 8.20 1.90
N TYR A 25 -0.49 8.45 2.66
CA TYR A 25 0.00 7.51 3.65
C TYR A 25 -0.15 8.03 5.06
N GLU A 26 -0.54 7.16 5.98
CA GLU A 26 -0.63 7.52 7.39
C GLU A 26 -0.42 6.31 8.29
N LEU A 27 -0.09 6.56 9.55
CA LEU A 27 0.22 5.49 10.50
C LEU A 27 -1.02 5.10 11.28
N VAL A 28 -1.28 3.79 11.36
CA VAL A 28 -2.37 3.28 12.18
C VAL A 28 -1.91 3.01 13.62
N GLN A 29 -0.88 2.18 13.75
CA GLN A 29 -0.40 1.77 15.07
C GLN A 29 0.93 1.04 14.96
N ILE A 30 1.86 1.36 15.84
CA ILE A 30 3.10 0.59 15.98
C ILE A 30 3.06 -0.28 17.23
N GLU A 31 3.30 -1.57 17.05
CA GLU A 31 3.26 -2.53 18.16
C GLU A 31 4.30 -3.62 17.98
N GLY A 32 4.19 -4.68 18.78
CA GLY A 32 5.03 -5.85 18.63
C GLY A 32 6.23 -5.80 19.56
N ALA A 33 7.27 -6.55 19.22
CA ALA A 33 8.45 -6.65 20.07
C ALA A 33 9.58 -5.78 19.55
N ILE A 34 10.59 -5.56 20.39
CA ILE A 34 11.75 -4.76 20.00
C ILE A 34 12.65 -5.52 19.03
N HIS A 35 12.50 -6.84 19.01
CA HIS A 35 13.23 -7.67 18.06
C HIS A 35 12.33 -8.10 16.90
N GLU A 36 11.02 -8.06 17.13
CA GLU A 36 10.05 -8.39 16.10
C GLU A 36 8.86 -7.44 16.12
N PRO A 37 9.08 -6.21 15.69
CA PRO A 37 8.05 -5.18 15.74
C PRO A 37 7.04 -5.37 14.60
N THR A 38 5.82 -4.92 14.82
CA THR A 38 4.79 -4.93 13.78
C THR A 38 4.28 -3.53 13.50
N PHE A 39 4.35 -3.11 12.23
CA PHE A 39 3.93 -1.77 11.84
C PHE A 39 2.63 -1.82 11.05
N ARG A 40 1.66 -1.01 11.47
CA ARG A 40 0.38 -0.93 10.77
C ARG A 40 0.19 0.43 10.12
N PHE A 41 0.08 0.45 8.80
CA PHE A 41 -0.14 1.68 8.06
C PHE A 41 -1.41 1.61 7.23
N ARG A 42 -1.96 2.78 6.89
CA ARG A 42 -3.14 2.85 6.04
C ARG A 42 -2.91 3.77 4.85
N VAL A 43 -3.35 3.33 3.68
CA VAL A 43 -3.16 4.10 2.45
C VAL A 43 -4.46 4.24 1.68
N SER A 44 -4.75 5.46 1.24
CA SER A 44 -6.06 5.79 0.68
C SER A 44 -5.94 6.73 -0.50
N PHE A 45 -6.85 6.59 -1.47
CA PHE A 45 -6.87 7.46 -2.64
C PHE A 45 -8.29 7.67 -3.14
N LYS A 46 -8.63 8.92 -3.43
CA LYS A 46 -9.95 9.26 -3.95
C LYS A 46 -9.97 9.20 -5.48
N ASP A 47 -10.52 8.12 -6.01
CA ASP A 47 -10.57 7.93 -7.46
C ASP A 47 -11.75 8.69 -8.07
N LYS A 48 -11.58 10.01 -8.22
CA LYS A 48 -12.64 10.85 -8.76
C LYS A 48 -13.93 10.70 -7.95
N ASP A 49 -14.77 9.75 -8.35
CA ASP A 49 -16.11 9.63 -7.81
C ASP A 49 -16.14 8.66 -6.64
N THR A 50 -15.24 7.69 -6.66
CA THR A 50 -15.24 6.63 -5.67
C THR A 50 -13.92 6.57 -4.90
N PRO A 51 -13.98 6.84 -3.60
CA PRO A 51 -12.79 6.75 -2.76
C PRO A 51 -12.46 5.30 -2.41
N PHE A 52 -11.17 5.01 -2.33
CA PHE A 52 -10.71 3.68 -1.91
C PHE A 52 -9.74 3.77 -0.74
N THR A 53 -9.91 2.88 0.23
CA THR A 53 -9.03 2.83 1.38
C THR A 53 -8.65 1.39 1.73
N ALA A 54 -7.37 1.17 2.03
CA ALA A 54 -6.88 -0.15 2.38
C ALA A 54 -5.81 -0.07 3.46
N MET A 55 -5.70 -1.12 4.26
CA MET A 55 -4.71 -1.18 5.32
C MET A 55 -3.76 -2.36 5.14
N GLY A 56 -2.57 -2.26 5.72
CA GLY A 56 -1.59 -3.34 5.67
C GLY A 56 -0.60 -3.25 6.81
N ALA A 57 0.26 -4.25 6.94
CA ALA A 57 1.22 -4.32 8.04
C ALA A 57 2.41 -5.20 7.67
N GLY A 58 3.53 -4.97 8.35
CA GLY A 58 4.75 -5.72 8.08
C GLY A 58 5.76 -5.55 9.20
N ARG A 59 6.98 -5.99 8.97
CA ARG A 59 8.03 -5.97 10.00
C ARG A 59 8.71 -4.61 10.07
N SER A 60 8.52 -3.80 9.03
CA SER A 60 9.08 -2.46 8.99
C SER A 60 8.08 -1.46 8.45
N LYS A 61 8.39 -0.18 8.61
CA LYS A 61 7.53 0.89 8.11
C LYS A 61 7.35 0.80 6.60
N LYS A 62 8.44 0.51 5.90
CA LYS A 62 8.42 0.40 4.44
C LYS A 62 7.62 -0.82 4.00
N GLU A 63 7.83 -1.95 4.67
CA GLU A 63 7.13 -3.18 4.34
C GLU A 63 5.63 -3.04 4.59
N ALA A 64 5.28 -2.37 5.68
CA ALA A 64 3.87 -2.13 6.02
C ALA A 64 3.21 -1.22 4.99
N LYS A 65 3.91 -0.16 4.62
CA LYS A 65 3.42 0.77 3.61
C LYS A 65 3.22 0.07 2.27
N HIS A 66 4.16 -0.82 1.93
CA HIS A 66 4.05 -1.62 0.72
C HIS A 66 2.78 -2.44 0.71
N ALA A 67 2.52 -3.15 1.81
CA ALA A 67 1.34 -3.99 1.93
C ALA A 67 0.08 -3.16 1.81
N ALA A 68 0.04 -2.04 2.52
CA ALA A 68 -1.15 -1.18 2.54
C ALA A 68 -1.40 -0.56 1.17
N ALA A 69 -0.35 -0.02 0.57
CA ALA A 69 -0.46 0.63 -0.72
C ALA A 69 -0.86 -0.36 -1.80
N ARG A 70 -0.26 -1.55 -1.77
CA ARG A 70 -0.55 -2.58 -2.74
C ARG A 70 -1.99 -3.06 -2.62
N ALA A 71 -2.47 -3.19 -1.39
CA ALA A 71 -3.85 -3.54 -1.13
C ALA A 71 -4.81 -2.52 -1.75
N LEU A 72 -4.47 -1.24 -1.60
CA LEU A 72 -5.23 -0.18 -2.25
C LEU A 72 -5.21 -0.34 -3.77
N ILE A 73 -4.03 -0.57 -4.31
CA ILE A 73 -3.87 -0.73 -5.76
C ILE A 73 -4.75 -1.87 -6.28
N ASP A 74 -4.80 -2.96 -5.54
CA ASP A 74 -5.67 -4.08 -5.88
C ASP A 74 -7.12 -3.64 -5.97
N LYS A 75 -7.54 -2.80 -5.04
CA LYS A 75 -8.90 -2.27 -5.02
C LYS A 75 -9.11 -1.30 -6.18
N LEU A 76 -8.08 -0.51 -6.48
CA LEU A 76 -8.15 0.46 -7.57
C LEU A 76 -8.27 -0.25 -8.92
N ILE A 77 -7.53 -1.34 -9.08
CA ILE A 77 -7.57 -2.12 -10.31
C ILE A 77 -8.84 -2.98 -10.36
N GLY A 78 -9.15 -3.63 -9.24
CA GLY A 78 -10.21 -4.63 -9.21
C GLY A 78 -9.65 -6.03 -9.43
N ALA A 79 -8.38 -6.22 -9.06
CA ALA A 79 -7.69 -7.48 -9.31
C ALA A 79 -6.34 -7.51 -8.62
N GLN A 80 -5.73 -8.68 -8.57
CA GLN A 80 -4.43 -8.86 -7.92
C GLN A 80 -3.31 -8.23 -8.73
N LEU A 81 -2.58 -7.32 -8.11
CA LEU A 81 -1.42 -6.71 -8.76
C LEU A 81 -0.33 -7.75 -9.04
N PRO A 82 0.01 -7.90 -10.32
CA PRO A 82 1.07 -8.81 -10.73
C PRO A 82 2.38 -8.47 -10.03
N GLU A 83 3.21 -9.48 -9.81
CA GLU A 83 4.50 -9.29 -9.14
C GLU A 83 5.62 -10.00 -9.89
#